data_8BB5
#
_entry.id   8BB5
#
_cell.length_a   48.120
_cell.length_b   86.689
_cell.length_c   196.600
_cell.angle_alpha   90.000
_cell.angle_beta   90.000
_cell.angle_gamma   90.000
#
_symmetry.space_group_name_H-M   'P 21 21 21'
#
loop_
_entity.id
_entity.type
_entity.pdbx_description
1 polymer Elongin-B
2 polymer Elongin-C
3 polymer 'von Hippel-Lindau disease tumor suppressor'
4 polymer 'WD repeat-containing protein 5'
5 non-polymer 'THIOCYANATE ION'
6 non-polymer ~{N}-[5-[4-[[4-[2-[[(2~{S})-3,3-dimethyl-1-[(2~{S},4~{R})-2-[[4-(4-methyl-1,3-thiazol-5-yl)phenyl]methylcarbamoyl]-4-oxidanyl-pyrrolidin-1-yl]-1-oxidanylidene-butan-2-yl]amino]-2-oxidanylidene-ethyl]phenyl]methylcarbamoyl]phenyl]-2-(4-methylpiperazin-1-yl)phenyl]-6-oxidanyl-4-(trifluoromethyl)pyridine-3-carboxamide
7 non-polymer 1,2-ETHANEDIOL
8 non-polymer 'POTASSIUM ION'
9 water water
#
loop_
_entity_poly.entity_id
_entity_poly.type
_entity_poly.pdbx_seq_one_letter_code
_entity_poly.pdbx_strand_id
1 'polypeptide(L)'
;MDVFLMIRRHKTTIFTDAKESSTVFELKRIVEGILKRPPDEQRLYKDDQLLDDGKTLGECGFTSQTARPQAPATVGLAFR
ADDTFEALCIEPFSSPPELPDVMK
;
A
2 'polypeptide(L)'
;KAMYVKLISSDGHEFIVKREHALTSGTIKAMLSGPGQFAENETNEVNFREIPSHVLSKVCMYFTYKVRYTNSSTEIPEFP
IAPEIALELLMAANFLDC
;
B
3 'polypeptide(L)'
;GSMEAGRPRPVLRSVNSREPSQVIFCNRSPRVVLPVWLNFDGEPQPYPTLPPGTGRRIHSYRGHLWLFRDAGTHDGLLVN
QTELFVPSLNVDGQPIFANITLPVYTLKERCLQVVRSLVKPENYRRLDIVRSLYEDLEDHPNVQKDLERLTQERIAHQRM
GD
;
C
4 'polypeptide(L)'
;MGSSHHHHHHSSGLVPRGSPNYALKFTLAGHTKAVSSVKFSPNGEWLASSSADKLIKIWGAYDGKFEKTISGHKLGISDV
AWSSDSNLLVSASDDKTLKIWDVSSGKCLKTLKGHSNYVFCCNFNPQSNLIVSGSFDESVRIWDVKTGKCLKTLPAHSDP
VSAVHFNRDGSLIVSSSYDGLCRIWDTASGQCLKTLIDDDNPPVSFVKFSPNGKYILAATLDNTLKLWDYSKGKCLKTYT
GHKNEKYCIFANFSVTGGKWIVSGSEDNLVYIWNLQTKEIVQKLQGHTDVVISTACHPTENIIASAALENDKTIKLWKSD
C
;
D
#
# COMPACT_ATOMS: atom_id res chain seq x y z
N MET A 1 -38.87 -6.75 -6.53
CA MET A 1 -37.62 -7.51 -6.78
C MET A 1 -37.96 -8.94 -7.19
N ASP A 2 -36.89 -9.70 -7.48
CA ASP A 2 -37.02 -11.07 -7.91
C ASP A 2 -37.10 -11.97 -6.67
N VAL A 3 -37.89 -13.03 -6.79
CA VAL A 3 -38.04 -14.04 -5.76
C VAL A 3 -37.63 -15.38 -6.37
N PHE A 4 -37.02 -16.25 -5.56
CA PHE A 4 -36.42 -17.48 -6.06
C PHE A 4 -37.08 -18.65 -5.32
N LEU A 5 -37.56 -19.63 -6.08
CA LEU A 5 -38.50 -20.57 -5.53
C LEU A 5 -38.06 -22.01 -5.75
N MET A 6 -38.49 -22.87 -4.83
CA MET A 6 -38.54 -24.31 -5.03
C MET A 6 -40.01 -24.79 -5.03
N ILE A 7 -40.46 -25.32 -6.17
CA ILE A 7 -41.77 -25.92 -6.32
C ILE A 7 -41.63 -27.41 -6.04
N ARG A 8 -42.31 -27.91 -4.99
CA ARG A 8 -42.06 -29.25 -4.50
C ARG A 8 -43.34 -30.09 -4.41
N ARG A 9 -43.25 -31.28 -5.01
CA ARG A 9 -44.26 -32.33 -4.97
C ARG A 9 -43.54 -33.67 -4.86
N HIS A 10 -43.90 -34.46 -3.85
CA HIS A 10 -43.33 -35.80 -3.67
C HIS A 10 -41.81 -35.67 -3.61
N LYS A 11 -41.10 -36.27 -4.59
CA LYS A 11 -39.65 -36.26 -4.66
C LYS A 11 -39.18 -35.49 -5.90
N THR A 12 -39.98 -34.50 -6.32
CA THR A 12 -39.61 -33.57 -7.38
C THR A 12 -39.51 -32.15 -6.82
N THR A 13 -38.45 -31.42 -7.23
CA THR A 13 -38.25 -30.03 -6.85
C THR A 13 -37.93 -29.23 -8.11
N ILE A 14 -38.69 -28.16 -8.38
CA ILE A 14 -38.44 -27.30 -9.53
C ILE A 14 -37.83 -25.98 -9.05
N PHE A 15 -36.66 -25.62 -9.59
CA PHE A 15 -36.03 -24.33 -9.31
C PHE A 15 -36.52 -23.33 -10.35
N THR A 16 -37.14 -22.24 -9.86
CA THR A 16 -37.55 -21.16 -10.74
C THR A 16 -37.58 -19.84 -9.97
N ASP A 17 -37.58 -18.77 -10.75
CA ASP A 17 -37.58 -17.42 -10.23
C ASP A 17 -38.84 -16.75 -10.75
N ALA A 18 -39.21 -15.64 -10.12
CA ALA A 18 -40.35 -14.84 -10.54
C ALA A 18 -40.23 -13.48 -9.87
N LYS A 19 -41.28 -12.68 -10.03
CA LYS A 19 -41.36 -11.34 -9.45
C LYS A 19 -42.33 -11.39 -8.27
N GLU A 20 -42.12 -10.50 -7.29
CA GLU A 20 -43.11 -10.29 -6.24
C GLU A 20 -44.47 -9.87 -6.81
N SER A 21 -44.48 -9.17 -7.96
CA SER A 21 -45.71 -8.68 -8.61
C SER A 21 -46.43 -9.78 -9.39
N SER A 22 -45.70 -10.84 -9.79
CA SER A 22 -46.27 -12.01 -10.45
C SER A 22 -47.43 -12.56 -9.62
N THR A 23 -48.40 -13.16 -10.32
CA THR A 23 -49.53 -13.79 -9.67
C THR A 23 -49.24 -15.28 -9.53
N VAL A 24 -50.02 -15.92 -8.66
CA VAL A 24 -50.01 -17.37 -8.48
C VAL A 24 -50.43 -18.02 -9.79
N PHE A 25 -51.39 -17.42 -10.50
CA PHE A 25 -51.78 -17.94 -11.80
C PHE A 25 -50.59 -17.95 -12.77
N GLU A 26 -49.86 -16.83 -12.85
CA GLU A 26 -48.67 -16.73 -13.69
C GLU A 26 -47.65 -17.80 -13.28
N LEU A 27 -47.44 -18.00 -11.97
CA LEU A 27 -46.58 -19.05 -11.47
C LEU A 27 -47.02 -20.43 -11.96
N LYS A 28 -48.33 -20.73 -11.91
CA LYS A 28 -48.85 -21.98 -12.44
C LYS A 28 -48.62 -22.09 -13.94
N ARG A 29 -48.66 -20.96 -14.69
CA ARG A 29 -48.40 -21.02 -16.12
C ARG A 29 -46.93 -21.41 -16.32
N ILE A 30 -46.05 -21.07 -15.36
CA ILE A 30 -44.65 -21.51 -15.39
C ILE A 30 -44.58 -23.02 -15.19
N VAL A 31 -45.21 -23.52 -14.12
CA VAL A 31 -45.16 -24.95 -13.81
C VAL A 31 -45.72 -25.75 -14.99
N GLU A 32 -46.74 -25.22 -15.66
CA GLU A 32 -47.34 -25.88 -16.81
C GLU A 32 -46.31 -26.07 -17.92
N GLY A 33 -45.49 -25.05 -18.18
CA GLY A 33 -44.43 -25.15 -19.18
C GLY A 33 -43.49 -26.32 -18.90
N ILE A 34 -43.30 -26.64 -17.61
CA ILE A 34 -42.34 -27.65 -17.19
C ILE A 34 -42.99 -29.03 -17.04
N LEU A 35 -44.18 -29.09 -16.41
CA LEU A 35 -44.79 -30.37 -16.07
C LEU A 35 -45.94 -30.73 -17.00
N LYS A 36 -46.43 -29.79 -17.83
CA LYS A 36 -47.48 -30.07 -18.81
C LYS A 36 -48.79 -30.45 -18.09
N ARG A 37 -49.13 -29.68 -17.07
CA ARG A 37 -50.40 -29.79 -16.38
C ARG A 37 -50.95 -28.38 -16.28
N PRO A 38 -52.16 -28.10 -16.83
CA PRO A 38 -52.71 -26.75 -16.86
C PRO A 38 -52.87 -26.13 -15.46
N PRO A 39 -52.99 -24.79 -15.36
CA PRO A 39 -53.13 -24.14 -14.05
C PRO A 39 -54.30 -24.68 -13.20
N ASP A 40 -55.40 -25.05 -13.87
CA ASP A 40 -56.63 -25.46 -13.22
C ASP A 40 -56.50 -26.89 -12.67
N GLU A 41 -55.44 -27.61 -13.04
CA GLU A 41 -55.12 -28.91 -12.48
C GLU A 41 -54.03 -28.80 -11.41
N GLN A 42 -53.72 -27.58 -10.96
CA GLN A 42 -52.63 -27.37 -10.03
C GLN A 42 -53.14 -26.70 -8.78
N ARG A 43 -52.60 -27.10 -7.61
CA ARG A 43 -52.82 -26.40 -6.36
C ARG A 43 -51.50 -26.04 -5.70
N LEU A 44 -51.32 -24.75 -5.37
CA LEU A 44 -50.04 -24.29 -4.85
C LEU A 44 -50.25 -23.89 -3.40
N TYR A 45 -49.27 -24.22 -2.54
CA TYR A 45 -49.34 -23.94 -1.12
C TYR A 45 -48.09 -23.21 -0.64
N LYS A 46 -48.29 -22.35 0.34
CA LYS A 46 -47.22 -21.91 1.21
C LYS A 46 -47.45 -22.55 2.57
N ASP A 47 -46.64 -23.56 2.92
CA ASP A 47 -46.93 -24.45 4.04
C ASP A 47 -48.27 -25.14 3.83
N ASP A 48 -49.17 -24.99 4.81
CA ASP A 48 -50.46 -25.65 4.85
C ASP A 48 -51.50 -24.82 4.09
N GLN A 49 -51.12 -23.67 3.48
CA GLN A 49 -52.08 -22.66 3.09
C GLN A 49 -52.21 -22.57 1.56
N LEU A 50 -53.44 -22.76 1.06
CA LEU A 50 -53.71 -22.75 -0.38
C LEU A 50 -53.58 -21.31 -0.92
N LEU A 51 -53.06 -21.15 -2.13
CA LEU A 51 -52.80 -19.82 -2.68
C LEU A 51 -53.85 -19.50 -3.76
N ASP A 52 -54.42 -18.29 -3.68
CA ASP A 52 -55.45 -17.84 -4.63
C ASP A 52 -54.75 -17.41 -5.92
N ASP A 53 -55.26 -17.89 -7.07
CA ASP A 53 -54.74 -17.56 -8.39
C ASP A 53 -54.56 -16.05 -8.60
N GLY A 54 -55.49 -15.25 -8.05
CA GLY A 54 -55.51 -13.82 -8.23
C GLY A 54 -54.43 -13.09 -7.44
N LYS A 55 -53.98 -13.64 -6.30
CA LYS A 55 -53.04 -12.94 -5.45
C LYS A 55 -51.63 -12.93 -6.09
N THR A 56 -50.83 -11.92 -5.73
CA THR A 56 -49.43 -11.84 -6.15
C THR A 56 -48.55 -12.62 -5.16
N LEU A 57 -47.32 -12.90 -5.58
CA LEU A 57 -46.38 -13.65 -4.75
C LEU A 57 -46.01 -12.84 -3.51
N GLY A 58 -45.75 -11.54 -3.68
CA GLY A 58 -45.48 -10.65 -2.56
C GLY A 58 -46.62 -10.66 -1.55
N GLU A 59 -47.86 -10.73 -2.04
CA GLU A 59 -49.05 -10.72 -1.19
C GLU A 59 -49.14 -12.01 -0.39
N CYS A 60 -48.57 -13.09 -0.93
CA CYS A 60 -48.64 -14.40 -0.28
C CYS A 60 -47.56 -14.53 0.79
N GLY A 61 -46.57 -13.64 0.78
CA GLY A 61 -45.50 -13.63 1.76
C GLY A 61 -44.14 -13.86 1.12
N PHE A 62 -44.11 -14.04 -0.19
CA PHE A 62 -42.87 -14.37 -0.86
C PHE A 62 -42.13 -13.09 -1.23
N THR A 63 -41.22 -12.66 -0.35
CA THR A 63 -40.49 -11.41 -0.52
C THR A 63 -39.09 -11.72 -1.05
N SER A 64 -38.38 -10.68 -1.52
CA SER A 64 -37.03 -10.84 -1.99
C SER A 64 -36.08 -11.10 -0.83
N GLN A 65 -36.45 -10.64 0.38
CA GLN A 65 -35.69 -10.91 1.59
C GLN A 65 -35.82 -12.35 2.06
N THR A 66 -36.86 -13.07 1.61
CA THR A 66 -37.12 -14.40 2.14
C THR A 66 -37.12 -15.47 1.04
N ALA A 67 -36.86 -15.06 -0.21
CA ALA A 67 -36.88 -15.92 -1.38
C ALA A 67 -35.64 -15.61 -2.22
N ARG A 68 -34.47 -15.92 -1.65
CA ARG A 68 -33.20 -15.51 -2.21
C ARG A 68 -32.62 -16.62 -3.08
N PRO A 69 -31.80 -16.29 -4.10
CA PRO A 69 -31.24 -17.30 -5.00
C PRO A 69 -30.51 -18.41 -4.25
N GLN A 70 -29.87 -18.05 -3.11
CA GLN A 70 -29.05 -18.94 -2.31
C GLN A 70 -29.83 -19.62 -1.19
N ALA A 71 -31.08 -19.20 -0.97
CA ALA A 71 -31.95 -19.84 0.03
C ALA A 71 -33.40 -19.66 -0.39
N PRO A 72 -33.85 -20.35 -1.47
CA PRO A 72 -35.15 -20.07 -2.07
C PRO A 72 -36.29 -20.52 -1.16
N ALA A 73 -37.45 -19.91 -1.39
CA ALA A 73 -38.68 -20.24 -0.68
C ALA A 73 -39.31 -21.48 -1.32
N THR A 74 -39.98 -22.31 -0.51
CA THR A 74 -40.68 -23.50 -0.97
C THR A 74 -42.17 -23.23 -1.24
N VAL A 75 -42.66 -23.74 -2.38
CA VAL A 75 -44.07 -23.74 -2.72
C VAL A 75 -44.51 -25.20 -2.89
N GLY A 76 -45.53 -25.59 -2.12
CA GLY A 76 -46.14 -26.91 -2.20
C GLY A 76 -46.97 -27.04 -3.49
N LEU A 77 -46.90 -28.22 -4.13
CA LEU A 77 -47.70 -28.50 -5.31
C LEU A 77 -48.45 -29.82 -5.15
N ALA A 78 -49.77 -29.76 -5.40
CA ALA A 78 -50.60 -30.95 -5.48
C ALA A 78 -51.54 -30.79 -6.67
N PHE A 79 -51.79 -31.88 -7.39
CA PHE A 79 -52.62 -31.85 -8.58
C PHE A 79 -54.09 -32.09 -8.22
N ARG A 80 -54.94 -31.79 -9.20
CA ARG A 80 -56.38 -31.92 -9.11
C ARG A 80 -56.85 -32.35 -10.50
N ALA A 81 -57.81 -33.28 -10.51
CA ALA A 81 -58.48 -33.69 -11.73
C ALA A 81 -59.98 -33.72 -11.46
N ASP A 82 -60.66 -32.65 -11.92
CA ASP A 82 -62.07 -32.42 -11.66
C ASP A 82 -62.33 -32.48 -10.15
N ASP A 83 -63.14 -33.44 -9.70
CA ASP A 83 -63.59 -33.49 -8.32
C ASP A 83 -62.64 -34.29 -7.44
N THR A 84 -61.55 -34.82 -8.02
CA THR A 84 -60.54 -35.56 -7.27
C THR A 84 -59.32 -34.68 -7.00
N PHE A 85 -58.94 -34.62 -5.73
CA PHE A 85 -57.81 -33.82 -5.26
C PHE A 85 -56.78 -34.71 -4.58
N GLU A 86 -55.60 -34.76 -5.20
CA GLU A 86 -54.38 -35.33 -4.63
C GLU A 86 -53.97 -34.65 -3.32
N ALA A 87 -53.49 -35.42 -2.34
CA ALA A 87 -52.99 -34.81 -1.11
C ALA A 87 -51.64 -34.17 -1.40
N LEU A 88 -51.38 -33.01 -0.77
CA LEU A 88 -50.06 -32.40 -0.75
C LEU A 88 -49.13 -33.27 0.08
N CYS A 89 -48.02 -33.71 -0.53
CA CYS A 89 -47.05 -34.58 0.11
C CYS A 89 -45.68 -34.27 -0.45
N ILE A 90 -44.77 -33.81 0.42
CA ILE A 90 -43.44 -33.42 0.03
C ILE A 90 -42.46 -34.23 0.89
N GLU A 91 -41.69 -35.05 0.20
CA GLU A 91 -40.73 -35.94 0.79
C GLU A 91 -39.52 -35.11 1.22
N PRO A 92 -39.10 -35.21 2.49
CA PRO A 92 -37.90 -34.52 2.97
C PRO A 92 -36.62 -34.90 2.24
N PHE A 93 -35.67 -33.96 2.14
CA PHE A 93 -34.34 -34.30 1.67
C PHE A 93 -33.68 -35.17 2.74
N SER A 94 -32.53 -35.77 2.39
CA SER A 94 -31.70 -36.56 3.27
C SER A 94 -31.08 -35.66 4.34
N SER A 95 -30.51 -36.30 5.37
CA SER A 95 -29.83 -35.61 6.46
C SER A 95 -28.30 -35.70 6.31
N PRO A 96 -27.55 -34.65 6.72
CA PRO A 96 -26.10 -34.75 6.80
C PRO A 96 -25.74 -35.68 7.95
N PRO A 97 -24.54 -36.31 7.89
CA PRO A 97 -24.03 -37.13 8.98
C PRO A 97 -23.69 -36.23 10.17
N GLU A 98 -23.30 -36.83 11.31
CA GLU A 98 -22.85 -36.04 12.45
C GLU A 98 -21.51 -35.40 12.06
N LEU A 99 -21.35 -34.13 12.45
CA LEU A 99 -20.19 -33.30 12.18
C LEU A 99 -18.92 -34.02 12.64
N PRO A 100 -17.90 -34.22 11.77
CA PRO A 100 -16.68 -34.94 12.15
C PRO A 100 -15.95 -34.25 13.29
N ASP A 101 -15.20 -35.05 14.06
CA ASP A 101 -14.44 -34.59 15.20
C ASP A 101 -13.51 -33.42 14.86
N VAL A 102 -12.86 -33.46 13.67
CA VAL A 102 -11.84 -32.46 13.38
C VAL A 102 -12.47 -31.08 13.10
N MET A 103 -13.81 -31.02 12.99
CA MET A 103 -14.51 -29.75 12.85
C MET A 103 -15.10 -29.30 14.18
N LYS A 104 -14.86 -30.06 15.25
CA LYS A 104 -15.37 -29.73 16.57
C LYS A 104 -14.20 -29.45 17.52
N ALA B 2 -34.93 -21.57 -20.49
CA ALA B 2 -36.21 -22.20 -20.87
C ALA B 2 -36.03 -23.70 -21.16
N MET B 3 -34.80 -24.15 -21.46
CA MET B 3 -34.52 -25.58 -21.42
C MET B 3 -34.24 -25.98 -19.98
N TYR B 4 -34.72 -27.15 -19.59
CA TYR B 4 -34.61 -27.64 -18.23
C TYR B 4 -34.01 -29.03 -18.27
N VAL B 5 -33.36 -29.41 -17.15
CA VAL B 5 -32.83 -30.76 -17.02
C VAL B 5 -33.21 -31.29 -15.65
N LYS B 6 -33.15 -32.63 -15.55
CA LYS B 6 -33.46 -33.35 -14.33
C LYS B 6 -32.18 -33.96 -13.75
N LEU B 7 -31.81 -33.52 -12.56
CA LEU B 7 -30.69 -34.09 -11.81
C LEU B 7 -31.27 -34.93 -10.67
N ILE B 8 -30.86 -36.19 -10.61
CA ILE B 8 -31.43 -37.13 -9.67
C ILE B 8 -30.34 -37.53 -8.68
N SER B 9 -30.64 -37.26 -7.41
CA SER B 9 -29.75 -37.60 -6.30
C SER B 9 -29.70 -39.10 -6.12
N SER B 10 -28.77 -39.52 -5.27
CA SER B 10 -28.58 -40.93 -4.99
C SER B 10 -29.82 -41.51 -4.33
N ASP B 11 -30.57 -40.70 -3.58
CA ASP B 11 -31.75 -41.18 -2.87
C ASP B 11 -33.01 -40.95 -3.72
N GLY B 12 -32.83 -40.60 -5.00
CA GLY B 12 -33.93 -40.61 -5.96
C GLY B 12 -34.74 -39.32 -6.03
N HIS B 13 -34.32 -38.26 -5.31
CA HIS B 13 -34.93 -36.94 -5.47
C HIS B 13 -34.56 -36.36 -6.83
N GLU B 14 -35.57 -35.75 -7.47
CA GLU B 14 -35.41 -35.18 -8.80
C GLU B 14 -35.40 -33.66 -8.71
N PHE B 15 -34.37 -33.03 -9.29
CA PHE B 15 -34.21 -31.59 -9.28
C PHE B 15 -34.31 -31.10 -10.72
N ILE B 16 -35.34 -30.29 -10.98
CA ILE B 16 -35.57 -29.78 -12.32
C ILE B 16 -35.03 -28.35 -12.34
N VAL B 17 -33.95 -28.11 -13.11
CA VAL B 17 -33.26 -26.83 -13.10
C VAL B 17 -32.98 -26.41 -14.55
N LYS B 18 -32.82 -25.11 -14.79
CA LYS B 18 -32.47 -24.69 -16.15
C LYS B 18 -31.19 -25.38 -16.60
N ARG B 19 -31.14 -25.73 -17.90
CA ARG B 19 -29.98 -26.34 -18.52
C ARG B 19 -28.78 -25.42 -18.32
N GLU B 20 -28.97 -24.13 -18.65
CA GLU B 20 -27.94 -23.12 -18.52
C GLU B 20 -27.37 -23.06 -17.11
N HIS B 21 -28.21 -23.12 -16.09
CA HIS B 21 -27.74 -23.12 -14.72
C HIS B 21 -26.88 -24.35 -14.45
N ALA B 22 -27.34 -25.52 -14.91
CA ALA B 22 -26.67 -26.77 -14.63
C ALA B 22 -25.31 -26.86 -15.33
N LEU B 23 -25.21 -26.30 -16.54
CA LEU B 23 -23.97 -26.29 -17.31
C LEU B 23 -22.84 -25.49 -16.64
N THR B 24 -23.10 -24.88 -15.48
CA THR B 24 -22.03 -24.35 -14.64
C THR B 24 -21.00 -25.44 -14.34
N SER B 25 -21.49 -26.68 -14.17
CA SER B 25 -20.66 -27.85 -13.98
C SER B 25 -20.25 -28.47 -15.31
N GLY B 26 -18.93 -28.54 -15.54
CA GLY B 26 -18.41 -29.24 -16.71
C GLY B 26 -18.70 -30.74 -16.67
N THR B 27 -18.69 -31.31 -15.45
CA THR B 27 -19.10 -32.67 -15.25
C THR B 27 -20.53 -32.90 -15.76
N ILE B 28 -21.47 -32.05 -15.33
CA ILE B 28 -22.84 -32.15 -15.82
C ILE B 28 -22.89 -31.98 -17.33
N LYS B 29 -22.07 -31.11 -17.89
CA LYS B 29 -22.07 -30.93 -19.33
C LYS B 29 -21.70 -32.25 -20.02
N ALA B 30 -20.65 -32.91 -19.53
CA ALA B 30 -20.21 -34.17 -20.11
C ALA B 30 -21.30 -35.23 -19.95
N MET B 31 -21.97 -35.29 -18.78
CA MET B 31 -22.95 -36.35 -18.55
C MET B 31 -24.17 -36.15 -19.43
N LEU B 32 -24.50 -34.89 -19.74
CA LEU B 32 -25.60 -34.63 -20.65
C LEU B 32 -25.27 -35.08 -22.08
N SER B 33 -24.04 -34.89 -22.57
CA SER B 33 -23.68 -35.25 -23.95
C SER B 33 -23.99 -36.73 -24.25
N ASN B 44 -31.01 -36.09 -21.38
CA ASN B 44 -31.63 -34.92 -20.71
C ASN B 44 -31.78 -35.09 -19.19
N GLU B 45 -31.57 -36.31 -18.68
CA GLU B 45 -31.53 -36.56 -17.25
C GLU B 45 -30.12 -36.95 -16.87
N VAL B 46 -29.77 -36.70 -15.61
CA VAL B 46 -28.49 -37.10 -15.06
C VAL B 46 -28.76 -37.72 -13.71
N ASN B 47 -28.29 -38.97 -13.53
CA ASN B 47 -28.32 -39.63 -12.23
C ASN B 47 -26.95 -39.58 -11.59
N PHE B 48 -26.94 -39.12 -10.35
CA PHE B 48 -25.73 -39.19 -9.53
C PHE B 48 -25.88 -40.38 -8.59
N ARG B 49 -24.79 -41.14 -8.48
CA ARG B 49 -24.82 -42.39 -7.74
C ARG B 49 -24.48 -42.15 -6.26
N GLU B 50 -23.72 -41.09 -5.94
CA GLU B 50 -23.27 -40.87 -4.58
C GLU B 50 -23.66 -39.50 -4.02
N ILE B 51 -24.29 -38.60 -4.79
CA ILE B 51 -24.61 -37.28 -4.26
C ILE B 51 -26.03 -37.28 -3.68
N PRO B 52 -26.21 -37.18 -2.33
CA PRO B 52 -27.56 -37.23 -1.74
C PRO B 52 -28.35 -35.93 -1.94
N SER B 53 -29.65 -35.97 -1.58
CA SER B 53 -30.59 -34.92 -1.92
C SER B 53 -30.30 -33.61 -1.20
N HIS B 54 -29.88 -33.67 0.08
CA HIS B 54 -29.60 -32.44 0.82
C HIS B 54 -28.46 -31.67 0.17
N VAL B 55 -27.43 -32.39 -0.25
CA VAL B 55 -26.28 -31.80 -0.91
C VAL B 55 -26.66 -31.32 -2.33
N LEU B 56 -27.35 -32.14 -3.14
CA LEU B 56 -27.64 -31.73 -4.52
C LEU B 56 -28.62 -30.54 -4.58
N SER B 57 -29.51 -30.41 -3.59
CA SER B 57 -30.39 -29.24 -3.56
C SER B 57 -29.55 -27.98 -3.34
N LYS B 58 -28.55 -28.10 -2.46
CA LYS B 58 -27.66 -27.00 -2.12
C LYS B 58 -26.84 -26.54 -3.33
N VAL B 59 -26.37 -27.50 -4.14
CA VAL B 59 -25.64 -27.24 -5.37
C VAL B 59 -26.54 -26.49 -6.35
N CYS B 60 -27.85 -26.83 -6.38
CA CYS B 60 -28.78 -26.18 -7.30
C CYS B 60 -28.97 -24.72 -6.89
N MET B 61 -28.94 -24.49 -5.58
CA MET B 61 -29.05 -23.15 -5.03
C MET B 61 -27.83 -22.31 -5.42
N TYR B 62 -26.65 -22.94 -5.39
CA TYR B 62 -25.44 -22.34 -5.91
C TYR B 62 -25.61 -21.92 -7.38
N PHE B 63 -26.07 -22.83 -8.26
CA PHE B 63 -26.24 -22.53 -9.68
C PHE B 63 -27.04 -21.24 -9.87
N THR B 64 -28.15 -21.13 -9.12
CA THR B 64 -29.05 -19.99 -9.14
C THR B 64 -28.34 -18.71 -8.67
N TYR B 65 -27.65 -18.79 -7.52
CA TYR B 65 -26.84 -17.71 -6.97
C TYR B 65 -25.77 -17.23 -7.95
N LYS B 66 -25.04 -18.17 -8.56
CA LYS B 66 -23.98 -17.90 -9.52
C LYS B 66 -24.57 -17.10 -10.69
N VAL B 67 -25.70 -17.55 -11.24
CA VAL B 67 -26.19 -16.95 -12.47
C VAL B 67 -26.74 -15.55 -12.18
N ARG B 68 -27.46 -15.38 -11.07
CA ARG B 68 -28.04 -14.09 -10.70
C ARG B 68 -26.93 -13.04 -10.48
N TYR B 69 -25.98 -13.37 -9.59
CA TYR B 69 -25.04 -12.39 -9.06
C TYR B 69 -23.82 -12.20 -9.96
N THR B 70 -23.64 -13.04 -10.98
CA THR B 70 -22.71 -12.74 -12.06
C THR B 70 -23.30 -11.59 -12.89
N ASN B 71 -22.55 -10.48 -12.97
CA ASN B 71 -22.86 -9.26 -13.72
C ASN B 71 -23.81 -8.30 -12.98
N SER B 72 -24.13 -8.56 -11.69
CA SER B 72 -24.94 -7.63 -10.90
C SER B 72 -24.13 -6.32 -10.63
N GLU B 75 -25.50 -5.46 -5.09
CA GLU B 75 -24.43 -5.85 -4.14
C GLU B 75 -24.60 -7.34 -3.88
N ILE B 76 -23.47 -8.04 -3.82
CA ILE B 76 -23.46 -9.49 -3.80
C ILE B 76 -23.40 -9.98 -2.36
N PRO B 77 -24.32 -10.89 -1.96
CA PRO B 77 -24.26 -11.52 -0.64
C PRO B 77 -23.33 -12.75 -0.63
N GLU B 78 -23.00 -13.18 0.59
CA GLU B 78 -22.29 -14.42 0.84
C GLU B 78 -23.15 -15.63 0.41
N PHE B 79 -22.51 -16.67 -0.15
CA PHE B 79 -23.17 -17.96 -0.26
C PHE B 79 -23.02 -18.72 1.06
N PRO B 80 -24.13 -18.99 1.79
CA PRO B 80 -24.02 -19.54 3.14
C PRO B 80 -23.84 -21.05 3.06
N ILE B 81 -23.02 -21.60 3.95
CA ILE B 81 -22.81 -23.03 4.04
C ILE B 81 -22.69 -23.40 5.51
N ALA B 82 -23.66 -24.15 6.03
CA ALA B 82 -23.59 -24.60 7.41
C ALA B 82 -22.44 -25.60 7.59
N PRO B 83 -21.82 -25.69 8.79
CA PRO B 83 -20.74 -26.66 9.02
C PRO B 83 -21.07 -28.11 8.69
N GLU B 84 -22.33 -28.49 8.93
CA GLU B 84 -22.79 -29.86 8.87
C GLU B 84 -22.81 -30.38 7.43
N ILE B 85 -22.96 -29.48 6.44
CA ILE B 85 -22.99 -29.87 5.04
C ILE B 85 -21.66 -29.54 4.34
N ALA B 86 -20.74 -28.86 4.99
CA ALA B 86 -19.59 -28.28 4.29
C ALA B 86 -18.74 -29.36 3.61
N LEU B 87 -18.48 -30.47 4.27
CA LEU B 87 -17.53 -31.43 3.72
C LEU B 87 -18.11 -32.17 2.52
N GLU B 88 -19.38 -32.61 2.63
CA GLU B 88 -20.04 -33.33 1.55
C GLU B 88 -20.20 -32.39 0.34
N LEU B 89 -20.42 -31.11 0.62
CA LEU B 89 -20.61 -30.12 -0.43
C LEU B 89 -19.26 -29.83 -1.09
N LEU B 90 -18.16 -29.87 -0.32
CA LEU B 90 -16.84 -29.74 -0.91
C LEU B 90 -16.62 -30.86 -1.91
N MET B 91 -16.93 -32.09 -1.47
CA MET B 91 -16.74 -33.28 -2.30
C MET B 91 -17.55 -33.17 -3.60
N ALA B 92 -18.79 -32.67 -3.52
CA ALA B 92 -19.65 -32.57 -4.67
C ALA B 92 -19.17 -31.48 -5.63
N ALA B 93 -18.79 -30.33 -5.06
CA ALA B 93 -18.21 -29.22 -5.79
C ALA B 93 -16.96 -29.66 -6.53
N ASN B 94 -16.12 -30.42 -5.84
CA ASN B 94 -14.93 -30.96 -6.47
C ASN B 94 -15.27 -31.88 -7.64
N PHE B 95 -16.18 -32.83 -7.41
CA PHE B 95 -16.54 -33.80 -8.42
C PHE B 95 -17.18 -33.11 -9.63
N LEU B 96 -18.07 -32.14 -9.37
CA LEU B 96 -18.86 -31.47 -10.41
C LEU B 96 -18.04 -30.39 -11.08
N ASP B 97 -16.96 -30.01 -10.38
CA ASP B 97 -16.11 -28.88 -10.70
C ASP B 97 -16.97 -27.67 -10.99
N CYS B 98 -17.58 -27.12 -9.94
CA CYS B 98 -18.28 -25.84 -10.05
C CYS B 98 -17.85 -24.91 -8.90
N GLY C 6 19.89 -2.06 -17.32
CA GLY C 6 18.59 -2.36 -17.94
C GLY C 6 17.77 -3.37 -17.13
N ARG C 7 17.47 -3.00 -15.88
CA ARG C 7 16.65 -3.81 -14.98
C ARG C 7 15.19 -3.36 -15.04
N PRO C 8 14.24 -4.28 -15.35
CA PRO C 8 12.82 -4.02 -15.09
C PRO C 8 12.53 -3.78 -13.60
N ARG C 9 11.55 -2.92 -13.37
CA ARG C 9 10.91 -2.77 -12.06
C ARG C 9 9.74 -3.74 -11.99
N PRO C 10 9.35 -4.26 -10.80
CA PRO C 10 8.14 -5.08 -10.72
C PRO C 10 6.97 -4.32 -11.37
N VAL C 11 6.20 -5.01 -12.20
CA VAL C 11 5.15 -4.35 -12.94
C VAL C 11 4.03 -3.92 -11.98
N LEU C 12 3.88 -4.62 -10.85
CA LEU C 12 2.79 -4.31 -9.93
C LEU C 12 3.36 -3.51 -8.75
N ARG C 13 3.32 -2.18 -8.88
CA ARG C 13 3.87 -1.24 -7.90
C ARG C 13 3.18 0.11 -8.05
N SER C 14 3.22 0.92 -7.00
CA SER C 14 2.76 2.30 -7.09
C SER C 14 3.76 3.11 -7.91
N VAL C 15 3.26 4.13 -8.64
CA VAL C 15 4.18 5.14 -9.16
C VAL C 15 4.32 6.25 -8.12
N ASN C 16 5.55 6.72 -7.94
CA ASN C 16 5.86 7.71 -6.92
C ASN C 16 5.55 9.12 -7.42
N SER C 17 4.26 9.48 -7.43
CA SER C 17 3.80 10.70 -8.08
C SER C 17 3.94 11.91 -7.15
N ARG C 18 3.77 11.67 -5.83
CA ARG C 18 3.60 12.70 -4.81
C ARG C 18 2.43 13.65 -5.13
N GLU C 19 1.44 13.18 -5.87
CA GLU C 19 0.27 14.00 -6.22
C GLU C 19 -0.95 13.50 -5.44
N PRO C 20 -1.46 14.24 -4.45
CA PRO C 20 -2.54 13.73 -3.60
C PRO C 20 -3.83 13.40 -4.37
N SER C 21 -4.50 12.33 -3.91
CA SER C 21 -5.77 11.92 -4.42
C SER C 21 -6.62 11.46 -3.23
N GLN C 22 -7.84 11.97 -3.17
CA GLN C 22 -8.78 11.69 -2.10
C GLN C 22 -9.68 10.53 -2.52
N VAL C 23 -9.73 9.48 -1.71
CA VAL C 23 -10.46 8.28 -2.08
C VAL C 23 -11.38 7.91 -0.94
N ILE C 24 -12.51 7.26 -1.26
CA ILE C 24 -13.40 6.66 -0.28
C ILE C 24 -13.43 5.17 -0.54
N PHE C 25 -12.83 4.43 0.40
CA PHE C 25 -12.97 3.00 0.53
C PHE C 25 -14.35 2.68 1.07
N CYS C 26 -15.14 1.99 0.26
CA CYS C 26 -16.51 1.66 0.59
C CYS C 26 -16.63 0.13 0.65
N ASN C 27 -16.73 -0.42 1.86
CA ASN C 27 -16.82 -1.86 2.07
C ASN C 27 -18.27 -2.31 1.84
N ARG C 28 -18.57 -2.81 0.63
CA ARG C 28 -19.89 -3.36 0.31
C ARG C 28 -19.82 -4.89 0.25
N SER C 29 -19.07 -5.44 1.21
CA SER C 29 -18.87 -6.87 1.36
C SER C 29 -19.32 -7.20 2.78
N PRO C 30 -19.56 -8.50 3.08
CA PRO C 30 -19.78 -8.96 4.45
C PRO C 30 -18.51 -9.27 5.23
N ARG C 31 -17.34 -9.07 4.61
CA ARG C 31 -16.07 -9.39 5.25
C ARG C 31 -15.50 -8.13 5.87
N VAL C 32 -14.64 -8.32 6.88
CA VAL C 32 -13.66 -7.34 7.32
C VAL C 32 -12.63 -7.18 6.20
N VAL C 33 -12.45 -5.97 5.71
CA VAL C 33 -11.56 -5.75 4.59
C VAL C 33 -10.17 -5.27 5.02
N LEU C 34 -9.13 -5.93 4.49
CA LEU C 34 -7.76 -5.44 4.56
C LEU C 34 -7.44 -4.73 3.24
N PRO C 35 -7.22 -3.40 3.24
CA PRO C 35 -6.63 -2.70 2.11
C PRO C 35 -5.13 -2.99 2.12
N VAL C 36 -4.59 -3.30 0.95
CA VAL C 36 -3.17 -3.56 0.75
C VAL C 36 -2.66 -2.56 -0.28
N TRP C 37 -1.63 -1.80 0.10
CA TRP C 37 -0.97 -0.84 -0.76
C TRP C 37 0.34 -1.46 -1.25
N LEU C 38 0.53 -1.43 -2.57
CA LEU C 38 1.79 -1.85 -3.16
C LEU C 38 2.72 -0.64 -3.27
N ASN C 39 3.91 -0.75 -2.67
CA ASN C 39 4.77 0.41 -2.56
C ASN C 39 5.52 0.56 -3.87
N PHE C 40 6.50 1.46 -3.87
CA PHE C 40 7.21 1.84 -5.08
C PHE C 40 8.13 0.71 -5.56
N ASP C 41 8.42 -0.25 -4.67
CA ASP C 41 9.26 -1.40 -4.98
C ASP C 41 8.43 -2.70 -5.12
N GLY C 42 7.11 -2.56 -5.22
CA GLY C 42 6.21 -3.67 -5.45
C GLY C 42 5.95 -4.52 -4.21
N GLU C 43 6.25 -3.98 -3.01
CA GLU C 43 6.10 -4.73 -1.77
C GLU C 43 4.78 -4.34 -1.11
N PRO C 44 3.93 -5.33 -0.80
CA PRO C 44 2.61 -5.05 -0.22
C PRO C 44 2.68 -4.62 1.24
N GLN C 45 1.88 -3.59 1.58
CA GLN C 45 1.85 -2.96 2.88
C GLN C 45 0.43 -3.04 3.41
N PRO C 46 0.20 -3.61 4.62
CA PRO C 46 -1.15 -3.71 5.18
C PRO C 46 -1.63 -2.37 5.73
N TYR C 47 -2.91 -2.02 5.53
CA TYR C 47 -3.48 -0.76 6.02
C TYR C 47 -4.58 -1.09 7.02
N PRO C 48 -5.08 -0.16 7.86
CA PRO C 48 -6.17 -0.45 8.80
C PRO C 48 -7.41 -1.03 8.12
N THR C 49 -8.06 -1.96 8.83
CA THR C 49 -9.17 -2.69 8.28
C THR C 49 -10.46 -1.89 8.37
N LEU C 50 -11.43 -2.31 7.56
CA LEU C 50 -12.75 -1.73 7.49
C LEU C 50 -13.72 -2.81 7.89
N PRO C 51 -14.55 -2.63 8.93
CA PRO C 51 -15.62 -3.57 9.19
C PRO C 51 -16.61 -3.56 8.02
N PRO C 52 -17.44 -4.62 7.88
CA PRO C 52 -18.44 -4.64 6.81
C PRO C 52 -19.49 -3.52 6.98
N GLY C 53 -20.01 -3.01 5.85
CA GLY C 53 -21.07 -2.01 5.88
C GLY C 53 -20.57 -0.59 6.16
N THR C 54 -19.24 -0.39 6.17
CA THR C 54 -18.64 0.87 6.55
C THR C 54 -17.89 1.45 5.35
N GLY C 55 -17.72 2.77 5.39
CA GLY C 55 -17.01 3.50 4.36
C GLY C 55 -16.12 4.55 5.01
N ARG C 56 -15.03 4.91 4.33
CA ARG C 56 -14.02 5.71 4.99
C ARG C 56 -13.27 6.51 3.93
N ARG C 57 -13.19 7.82 4.15
CA ARG C 57 -12.49 8.74 3.28
C ARG C 57 -11.02 8.82 3.69
N ILE C 58 -10.11 8.45 2.78
CA ILE C 58 -8.70 8.30 3.07
C ILE C 58 -7.89 9.07 2.03
N HIS C 59 -6.61 9.27 2.35
CA HIS C 59 -5.67 10.08 1.57
C HIS C 59 -4.66 9.16 0.88
N SER C 60 -4.67 9.25 -0.46
CA SER C 60 -3.73 8.48 -1.28
C SER C 60 -3.16 9.39 -2.35
N TYR C 61 -2.64 8.80 -3.44
CA TYR C 61 -1.98 9.57 -4.48
C TYR C 61 -2.28 8.98 -5.83
N ARG C 62 -2.21 9.84 -6.85
CA ARG C 62 -2.32 9.46 -8.25
C ARG C 62 -1.31 8.35 -8.60
N GLY C 63 -1.81 7.30 -9.26
CA GLY C 63 -0.98 6.21 -9.77
C GLY C 63 -0.51 5.22 -8.70
N HIS C 64 -1.01 5.36 -7.46
CA HIS C 64 -0.79 4.33 -6.45
C HIS C 64 -1.70 3.12 -6.69
N LEU C 65 -1.33 1.99 -6.09
CA LEU C 65 -1.89 0.69 -6.48
C LEU C 65 -2.33 -0.05 -5.21
N TRP C 66 -3.61 -0.43 -5.20
CA TRP C 66 -4.25 -1.08 -4.07
C TRP C 66 -4.94 -2.36 -4.49
N LEU C 67 -5.05 -3.27 -3.52
CA LEU C 67 -5.95 -4.41 -3.62
C LEU C 67 -6.56 -4.67 -2.24
N PHE C 68 -7.56 -5.55 -2.18
CA PHE C 68 -8.37 -5.70 -0.99
C PHE C 68 -8.61 -7.19 -0.77
N ARG C 69 -8.40 -7.61 0.49
CA ARG C 69 -8.41 -8.98 0.91
C ARG C 69 -9.27 -9.08 2.17
N ASP C 70 -9.88 -10.25 2.40
CA ASP C 70 -10.44 -10.55 3.70
C ASP C 70 -9.31 -10.46 4.74
N ALA C 71 -9.48 -9.63 5.76
CA ALA C 71 -8.41 -9.41 6.72
C ALA C 71 -8.14 -10.66 7.57
N GLY C 72 -9.11 -11.57 7.69
CA GLY C 72 -8.95 -12.79 8.48
C GLY C 72 -8.34 -13.97 7.70
N THR C 73 -8.73 -14.16 6.44
CA THR C 73 -8.42 -15.34 5.67
C THR C 73 -7.58 -15.05 4.42
N HIS C 74 -7.49 -13.78 4.01
CA HIS C 74 -6.78 -13.36 2.81
C HIS C 74 -7.52 -13.75 1.53
N ASP C 75 -8.80 -14.12 1.62
CA ASP C 75 -9.60 -14.27 0.42
C ASP C 75 -9.55 -12.96 -0.37
N GLY C 76 -9.47 -13.06 -1.69
CA GLY C 76 -9.49 -11.91 -2.57
C GLY C 76 -10.88 -11.29 -2.72
N LEU C 77 -10.92 -9.95 -2.68
CA LEU C 77 -12.12 -9.18 -2.93
C LEU C 77 -11.96 -8.41 -4.24
N LEU C 78 -13.07 -7.86 -4.78
CA LEU C 78 -13.03 -7.02 -5.95
C LEU C 78 -13.15 -5.57 -5.51
N VAL C 79 -12.72 -4.64 -6.37
CA VAL C 79 -12.83 -3.22 -6.12
C VAL C 79 -13.23 -2.57 -7.44
N ASN C 80 -14.42 -1.98 -7.45
CA ASN C 80 -15.01 -1.45 -8.67
C ASN C 80 -15.00 -2.54 -9.72
N GLN C 81 -15.43 -3.74 -9.30
CA GLN C 81 -15.64 -4.89 -10.20
C GLN C 81 -14.35 -5.44 -10.80
N THR C 82 -13.17 -5.10 -10.26
CA THR C 82 -11.92 -5.61 -10.82
C THR C 82 -10.96 -5.87 -9.65
N GLU C 83 -9.72 -6.29 -9.92
CA GLU C 83 -8.88 -6.79 -8.83
C GLU C 83 -7.96 -5.71 -8.25
N LEU C 84 -7.57 -4.75 -9.09
CA LEU C 84 -6.68 -3.68 -8.64
C LEU C 84 -7.40 -2.34 -8.70
N PHE C 85 -6.91 -1.39 -7.89
CA PHE C 85 -7.46 -0.04 -7.85
C PHE C 85 -6.32 0.97 -7.87
N VAL C 86 -6.42 1.91 -8.82
CA VAL C 86 -5.44 2.95 -9.03
C VAL C 86 -6.13 4.32 -8.97
N PRO C 87 -5.98 5.12 -7.89
CA PRO C 87 -6.55 6.47 -7.87
C PRO C 87 -6.05 7.36 -9.03
N SER C 88 -6.91 8.22 -9.55
CA SER C 88 -6.48 9.27 -10.44
C SER C 88 -6.61 10.61 -9.71
N LEU C 89 -6.47 11.73 -10.44
CA LEU C 89 -6.70 13.03 -9.80
C LEU C 89 -8.20 13.26 -9.68
N ASN C 90 -8.61 13.81 -8.52
CA ASN C 90 -9.97 14.22 -8.24
C ASN C 90 -10.38 15.29 -9.24
N VAL C 91 -11.57 15.18 -9.85
CA VAL C 91 -12.00 16.22 -10.77
C VAL C 91 -13.21 16.94 -10.16
N ASP C 92 -13.15 18.28 -10.19
CA ASP C 92 -14.27 19.11 -9.76
C ASP C 92 -14.65 18.78 -8.30
N GLY C 93 -13.62 18.54 -7.47
CA GLY C 93 -13.74 18.48 -6.02
C GLY C 93 -14.52 17.25 -5.55
N GLN C 94 -14.50 16.17 -6.34
CA GLN C 94 -15.23 14.95 -6.04
C GLN C 94 -14.26 13.85 -5.68
N PRO C 95 -14.54 13.06 -4.62
CA PRO C 95 -13.65 11.97 -4.22
C PRO C 95 -13.82 10.84 -5.24
N ILE C 96 -12.80 9.98 -5.35
CA ILE C 96 -12.93 8.74 -6.09
C ILE C 96 -13.44 7.64 -5.15
N PHE C 97 -14.42 6.84 -5.61
CA PHE C 97 -14.96 5.71 -4.86
C PHE C 97 -14.25 4.41 -5.22
N ALA C 98 -13.82 3.67 -4.18
CA ALA C 98 -13.35 2.30 -4.28
C ALA C 98 -14.38 1.37 -3.63
N ASN C 99 -15.28 0.85 -4.45
CA ASN C 99 -16.33 -0.03 -3.99
C ASN C 99 -15.79 -1.45 -3.92
N ILE C 100 -15.64 -1.95 -2.68
CA ILE C 100 -15.11 -3.26 -2.41
C ILE C 100 -16.30 -4.21 -2.22
N THR C 101 -16.35 -5.29 -3.02
CA THR C 101 -17.43 -6.29 -3.03
C THR C 101 -16.85 -7.70 -2.96
N LEU C 102 -17.70 -8.68 -2.61
CA LEU C 102 -17.38 -10.10 -2.75
C LEU C 102 -17.33 -10.44 -4.24
N PRO C 103 -16.39 -11.31 -4.68
CA PRO C 103 -16.53 -11.99 -5.97
C PRO C 103 -17.62 -13.05 -5.84
N VAL C 104 -18.09 -13.49 -7.01
CA VAL C 104 -18.81 -14.74 -7.09
C VAL C 104 -17.79 -15.88 -7.12
N TYR C 105 -17.42 -16.39 -5.94
CA TYR C 105 -16.54 -17.53 -5.83
C TYR C 105 -17.19 -18.73 -6.51
N THR C 106 -16.37 -19.63 -7.07
CA THR C 106 -16.80 -20.97 -7.41
C THR C 106 -17.31 -21.64 -6.13
N LEU C 107 -18.13 -22.68 -6.31
CA LEU C 107 -18.67 -23.38 -5.17
C LEU C 107 -17.51 -24.06 -4.47
N LYS C 108 -16.58 -24.55 -5.28
CA LYS C 108 -15.42 -25.25 -4.74
C LYS C 108 -14.63 -24.31 -3.83
N GLU C 109 -14.26 -23.13 -4.34
CA GLU C 109 -13.45 -22.24 -3.51
C GLU C 109 -14.24 -21.83 -2.26
N ARG C 110 -15.54 -21.56 -2.41
CA ARG C 110 -16.38 -21.20 -1.28
C ARG C 110 -16.40 -22.34 -0.25
N CYS C 111 -16.46 -23.61 -0.70
CA CYS C 111 -16.45 -24.74 0.19
C CYS C 111 -15.09 -24.87 0.92
N LEU C 112 -13.99 -24.70 0.16
CA LEU C 112 -12.65 -24.66 0.73
C LEU C 112 -12.53 -23.56 1.78
N GLN C 113 -13.08 -22.36 1.53
CA GLN C 113 -13.05 -21.29 2.53
C GLN C 113 -13.70 -21.75 3.84
N VAL C 114 -14.83 -22.45 3.73
CA VAL C 114 -15.56 -22.82 4.92
C VAL C 114 -14.86 -23.96 5.68
N VAL C 115 -14.46 -25.03 4.97
CA VAL C 115 -13.76 -26.11 5.63
C VAL C 115 -12.49 -25.57 6.29
N ARG C 116 -11.73 -24.73 5.59
CA ARG C 116 -10.53 -24.12 6.15
C ARG C 116 -10.84 -23.37 7.46
N SER C 117 -12.03 -22.74 7.53
CA SER C 117 -12.43 -22.00 8.71
C SER C 117 -12.80 -22.94 9.87
N LEU C 118 -13.06 -24.24 9.60
CA LEU C 118 -13.51 -25.18 10.61
C LEU C 118 -12.39 -26.14 11.02
N VAL C 119 -11.42 -26.34 10.14
CA VAL C 119 -10.39 -27.36 10.37
C VAL C 119 -9.04 -26.68 10.35
N LYS C 120 -8.22 -26.99 11.37
CA LYS C 120 -6.86 -26.55 11.47
C LYS C 120 -6.04 -27.24 10.38
N PRO C 121 -5.03 -26.56 9.77
CA PRO C 121 -4.21 -27.17 8.70
C PRO C 121 -3.57 -28.50 9.08
N GLU C 122 -3.12 -28.62 10.34
CA GLU C 122 -2.62 -29.86 10.92
C GLU C 122 -3.53 -31.04 10.61
N ASN C 123 -4.85 -30.80 10.58
CA ASN C 123 -5.83 -31.85 10.62
C ASN C 123 -6.43 -32.08 9.23
N TYR C 124 -6.07 -31.29 8.20
CA TYR C 124 -6.69 -31.42 6.89
C TYR C 124 -6.66 -32.87 6.37
N ARG C 125 -5.58 -33.61 6.61
CA ARG C 125 -5.39 -34.93 6.01
C ARG C 125 -6.11 -36.02 6.80
N ARG C 126 -6.68 -35.64 7.95
CA ARG C 126 -7.59 -36.50 8.70
C ARG C 126 -8.91 -36.71 7.95
N LEU C 127 -9.30 -35.71 7.16
CA LEU C 127 -10.62 -35.68 6.54
C LEU C 127 -10.73 -36.81 5.52
N ASP C 128 -11.93 -37.39 5.46
CA ASP C 128 -12.20 -38.54 4.61
C ASP C 128 -12.65 -38.06 3.22
N ILE C 129 -11.67 -37.61 2.42
CA ILE C 129 -11.92 -37.01 1.12
C ILE C 129 -10.76 -37.37 0.21
N VAL C 130 -10.94 -37.10 -1.08
CA VAL C 130 -9.98 -37.53 -2.08
C VAL C 130 -8.71 -36.71 -1.88
N ARG C 131 -7.55 -37.38 -1.99
CA ARG C 131 -6.22 -36.82 -1.72
C ARG C 131 -6.02 -35.42 -2.33
N SER C 132 -6.57 -35.15 -3.52
CA SER C 132 -6.30 -33.91 -4.23
C SER C 132 -6.87 -32.70 -3.49
N LEU C 133 -7.92 -32.93 -2.68
CA LEU C 133 -8.54 -31.88 -1.87
C LEU C 133 -7.64 -31.45 -0.72
N TYR C 134 -6.72 -32.32 -0.28
CA TYR C 134 -5.74 -31.92 0.73
C TYR C 134 -4.87 -30.81 0.17
N GLU C 135 -4.37 -30.99 -1.06
CA GLU C 135 -3.59 -29.97 -1.74
C GLU C 135 -4.39 -28.67 -1.87
N ASP C 136 -5.66 -28.78 -2.27
CA ASP C 136 -6.51 -27.60 -2.42
C ASP C 136 -6.69 -26.88 -1.07
N LEU C 137 -6.94 -27.64 0.02
CA LEU C 137 -7.15 -27.01 1.33
C LEU C 137 -5.90 -26.24 1.77
N GLU C 138 -4.73 -26.82 1.53
CA GLU C 138 -3.45 -26.27 1.96
C GLU C 138 -2.99 -25.10 1.09
N ASP C 139 -3.67 -24.86 -0.04
CA ASP C 139 -3.28 -23.82 -0.98
C ASP C 139 -3.95 -22.50 -0.62
N HIS C 140 -3.55 -21.92 0.52
CA HIS C 140 -4.19 -20.73 1.08
C HIS C 140 -4.08 -19.56 0.12
N PRO C 141 -5.12 -18.71 0.01
CA PRO C 141 -5.04 -17.55 -0.88
C PRO C 141 -4.00 -16.61 -0.27
N ASN C 142 -3.22 -15.94 -1.13
CA ASN C 142 -2.18 -15.01 -0.68
C ASN C 142 -1.89 -14.03 -1.82
N VAL C 143 -1.24 -12.92 -1.45
CA VAL C 143 -1.06 -11.78 -2.35
C VAL C 143 0.01 -12.14 -3.40
N GLN C 144 1.13 -12.72 -2.94
CA GLN C 144 2.21 -13.20 -3.77
C GLN C 144 1.69 -13.98 -4.99
N LYS C 145 0.75 -14.89 -4.74
CA LYS C 145 0.16 -15.74 -5.75
C LYS C 145 -0.69 -14.90 -6.72
N ASP C 146 -1.36 -13.90 -6.17
CA ASP C 146 -2.30 -13.11 -6.95
C ASP C 146 -1.56 -12.14 -7.85
N LEU C 147 -0.49 -11.55 -7.32
CA LEU C 147 0.42 -10.71 -8.09
C LEU C 147 0.94 -11.49 -9.29
N GLU C 148 1.32 -12.75 -9.07
CA GLU C 148 1.84 -13.58 -10.13
C GLU C 148 0.75 -13.77 -11.19
N ARG C 149 -0.44 -14.16 -10.71
CA ARG C 149 -1.57 -14.47 -11.58
C ARG C 149 -1.92 -13.25 -12.41
N LEU C 150 -2.02 -12.09 -11.74
CA LEU C 150 -2.40 -10.84 -12.37
C LEU C 150 -1.41 -10.44 -13.45
N THR C 151 -0.11 -10.58 -13.16
CA THR C 151 0.94 -10.27 -14.11
C THR C 151 0.79 -11.19 -15.33
N GLN C 152 0.54 -12.47 -15.06
CA GLN C 152 0.43 -13.44 -16.13
C GLN C 152 -0.74 -13.08 -17.04
N GLU C 153 -1.90 -12.75 -16.44
CA GLU C 153 -3.09 -12.36 -17.20
C GLU C 153 -2.77 -11.10 -18.01
N ARG C 154 -2.06 -10.16 -17.38
CA ARG C 154 -1.64 -8.94 -18.05
C ARG C 154 -0.81 -9.27 -19.29
N ILE C 155 0.19 -10.15 -19.15
CA ILE C 155 1.09 -10.50 -20.25
C ILE C 155 0.32 -11.22 -21.35
N ALA C 156 -0.62 -12.10 -20.97
CA ALA C 156 -1.48 -12.77 -21.94
C ALA C 156 -2.25 -11.73 -22.75
N HIS C 157 -2.87 -10.77 -22.06
CA HIS C 157 -3.69 -9.74 -22.77
C HIS C 157 -2.86 -8.97 -23.79
N GLN C 158 -1.64 -8.59 -23.44
CA GLN C 158 -0.75 -7.81 -24.35
C GLN C 158 -0.33 -8.69 -25.53
N ARG C 159 -0.09 -9.98 -25.29
CA ARG C 159 0.40 -10.88 -26.36
C ARG C 159 -0.78 -11.59 -27.02
N LEU D 14 50.83 26.29 -22.68
CA LEU D 14 49.52 26.31 -22.00
C LEU D 14 49.62 25.48 -20.71
N VAL D 15 49.62 26.16 -19.55
CA VAL D 15 49.99 25.54 -18.29
C VAL D 15 48.90 24.54 -17.88
N PRO D 16 49.24 23.40 -17.23
CA PRO D 16 48.23 22.46 -16.74
C PRO D 16 47.17 23.18 -15.90
N ARG D 17 45.92 22.71 -15.96
CA ARG D 17 44.87 23.28 -15.13
C ARG D 17 45.24 23.08 -13.65
N GLY D 18 44.71 23.96 -12.80
CA GLY D 18 44.76 23.74 -11.36
C GLY D 18 44.11 22.41 -10.96
N SER D 19 44.60 21.81 -9.88
CA SER D 19 44.07 20.54 -9.40
C SER D 19 44.62 20.27 -7.99
N PRO D 20 43.80 19.91 -6.98
CA PRO D 20 44.35 19.59 -5.68
C PRO D 20 44.88 18.17 -5.82
N ASN D 21 45.48 17.66 -4.75
CA ASN D 21 45.89 16.27 -4.68
C ASN D 21 45.50 15.74 -3.31
N TYR D 22 44.19 15.61 -3.10
CA TYR D 22 43.63 15.01 -1.89
C TYR D 22 44.02 13.53 -1.86
N ALA D 23 44.57 13.12 -0.72
CA ALA D 23 44.97 11.74 -0.46
C ALA D 23 44.40 11.34 0.89
N LEU D 24 43.92 10.10 0.98
CA LEU D 24 43.34 9.59 2.22
C LEU D 24 44.41 9.64 3.30
N LYS D 25 44.05 10.09 4.51
CA LYS D 25 44.96 10.00 5.65
C LYS D 25 44.41 9.12 6.76
N PHE D 26 43.11 9.19 7.06
CA PHE D 26 42.53 8.40 8.13
C PHE D 26 41.14 7.87 7.79
N THR D 27 40.82 6.70 8.34
CA THR D 27 39.48 6.15 8.35
C THR D 27 39.01 6.03 9.81
N LEU D 28 37.79 6.55 10.07
CA LEU D 28 37.21 6.54 11.40
C LEU D 28 36.03 5.56 11.40
N ALA D 29 36.24 4.42 12.06
CA ALA D 29 35.23 3.36 12.12
C ALA D 29 34.66 3.20 13.54
N GLY D 30 33.88 4.16 14.03
CA GLY D 30 33.24 4.05 15.33
C GLY D 30 31.73 3.78 15.27
N HIS D 31 31.04 4.25 14.23
CA HIS D 31 29.60 4.11 14.11
C HIS D 31 29.21 2.69 13.70
N THR D 32 27.99 2.24 14.06
CA THR D 32 27.59 0.87 13.79
C THR D 32 26.50 0.87 12.71
N LYS D 33 26.16 2.03 12.19
CA LYS D 33 25.23 2.08 11.07
C LYS D 33 25.69 3.19 10.16
N ALA D 34 24.87 3.50 9.16
CA ALA D 34 25.16 4.57 8.24
C ALA D 34 25.50 5.88 9.00
N VAL D 35 26.47 6.62 8.45
CA VAL D 35 26.85 7.93 8.94
C VAL D 35 26.17 8.98 8.03
N SER D 36 25.41 9.86 8.69
CA SER D 36 24.48 10.77 8.04
C SER D 36 25.16 12.09 7.69
N SER D 37 26.07 12.53 8.57
CA SER D 37 26.59 13.88 8.46
C SER D 37 27.92 14.01 9.19
N VAL D 38 28.82 14.79 8.56
CA VAL D 38 30.08 15.22 9.15
C VAL D 38 30.21 16.74 9.05
N LYS D 39 30.67 17.36 10.15
CA LYS D 39 30.88 18.80 10.22
C LYS D 39 32.12 19.15 11.04
N PHE D 40 33.01 20.00 10.48
CA PHE D 40 34.12 20.57 11.22
C PHE D 40 33.65 21.72 12.09
N SER D 41 34.16 21.78 13.32
CA SER D 41 33.92 22.89 14.22
C SER D 41 34.53 24.15 13.60
N PRO D 42 33.92 25.35 13.81
CA PRO D 42 34.49 26.60 13.31
C PRO D 42 35.92 26.87 13.75
N ASN D 43 36.31 26.45 14.97
CA ASN D 43 37.64 26.71 15.47
C ASN D 43 38.67 25.73 14.90
N GLY D 44 38.24 24.76 14.09
CA GLY D 44 39.16 23.90 13.36
C GLY D 44 39.55 22.63 14.11
N GLU D 45 39.22 22.56 15.41
CA GLU D 45 39.80 21.55 16.29
C GLU D 45 39.15 20.17 16.13
N TRP D 46 37.85 20.12 15.80
CA TRP D 46 37.06 18.91 15.91
C TRP D 46 36.28 18.62 14.63
N LEU D 47 35.99 17.33 14.44
CA LEU D 47 34.93 16.84 13.56
C LEU D 47 33.81 16.21 14.40
N ALA D 48 32.55 16.57 14.08
CA ALA D 48 31.38 15.90 14.60
C ALA D 48 30.75 15.06 13.51
N SER D 49 30.31 13.87 13.91
CA SER D 49 29.65 12.92 13.04
C SER D 49 28.32 12.49 13.65
N SER D 50 27.28 12.38 12.80
CA SER D 50 25.97 11.86 13.18
C SER D 50 25.66 10.56 12.42
N SER D 51 24.80 9.71 13.00
CA SER D 51 24.59 8.38 12.46
C SER D 51 23.16 7.88 12.74
N ALA D 52 22.74 6.93 11.88
CA ALA D 52 21.54 6.13 12.08
C ALA D 52 21.63 5.29 13.35
N ASP D 53 22.82 5.14 13.96
CA ASP D 53 22.95 4.40 15.22
C ASP D 53 22.58 5.29 16.41
N LYS D 54 22.08 6.51 16.16
CA LYS D 54 21.49 7.39 17.16
C LYS D 54 22.55 8.15 17.97
N LEU D 55 23.81 8.01 17.53
CA LEU D 55 24.96 8.60 18.20
C LEU D 55 25.59 9.70 17.36
N ILE D 56 26.06 10.71 18.11
CA ILE D 56 27.03 11.70 17.66
C ILE D 56 28.38 11.30 18.25
N LYS D 57 29.42 11.44 17.43
CA LYS D 57 30.78 11.21 17.89
C LYS D 57 31.61 12.44 17.55
N ILE D 58 32.56 12.76 18.43
CA ILE D 58 33.46 13.88 18.19
C ILE D 58 34.87 13.33 17.99
N TRP D 59 35.52 13.77 16.90
CA TRP D 59 36.88 13.36 16.56
C TRP D 59 37.80 14.58 16.47
N GLY D 60 39.10 14.37 16.70
CA GLY D 60 40.10 15.36 16.34
C GLY D 60 40.15 15.59 14.82
N ALA D 61 40.18 16.86 14.40
CA ALA D 61 40.07 17.18 12.98
C ALA D 61 41.35 16.79 12.25
N TYR D 62 42.47 16.75 12.97
CA TYR D 62 43.78 16.64 12.34
C TYR D 62 44.26 15.19 12.35
N ASP D 63 43.97 14.46 13.44
CA ASP D 63 44.45 13.09 13.59
C ASP D 63 43.29 12.08 13.51
N GLY D 64 42.03 12.53 13.49
CA GLY D 64 40.87 11.63 13.48
C GLY D 64 40.73 10.84 14.80
N LYS D 65 41.32 11.35 15.88
CA LYS D 65 41.32 10.68 17.18
C LYS D 65 39.97 10.83 17.88
N PHE D 66 39.33 9.69 18.16
CA PHE D 66 38.05 9.69 18.86
C PHE D 66 38.17 10.49 20.16
N GLU D 67 37.15 11.30 20.43
CA GLU D 67 37.16 12.20 21.56
C GLU D 67 36.03 11.80 22.49
N LYS D 68 34.78 11.77 21.99
CA LYS D 68 33.67 11.36 22.84
C LYS D 68 32.45 10.97 22.00
N THR D 69 31.57 10.17 22.65
CA THR D 69 30.26 9.82 22.12
C THR D 69 29.19 10.64 22.85
N ILE D 70 28.26 11.18 22.06
CA ILE D 70 27.11 11.92 22.59
C ILE D 70 25.83 11.17 22.23
N SER D 71 25.04 10.87 23.26
CA SER D 71 23.89 9.97 23.14
C SER D 71 22.65 10.60 23.78
N GLY D 72 21.47 10.16 23.34
CA GLY D 72 20.25 10.71 23.92
C GLY D 72 19.05 10.63 22.97
N HIS D 73 19.30 10.72 21.66
CA HIS D 73 18.22 10.55 20.70
C HIS D 73 17.72 9.11 20.76
N LYS D 74 16.43 8.95 20.49
CA LYS D 74 15.77 7.65 20.56
C LYS D 74 15.68 6.99 19.18
N LEU D 75 15.90 7.75 18.10
CA LEU D 75 16.06 7.18 16.76
C LEU D 75 17.30 7.76 16.09
N GLY D 76 17.51 7.34 14.83
CA GLY D 76 18.55 7.83 13.93
C GLY D 76 18.67 9.35 13.94
N ILE D 77 19.90 9.84 13.67
CA ILE D 77 20.20 11.26 13.57
C ILE D 77 20.53 11.55 12.11
N SER D 78 20.03 12.67 11.58
CA SER D 78 20.17 12.96 10.16
C SER D 78 21.19 14.08 9.91
N ASP D 79 21.38 14.94 10.93
CA ASP D 79 22.24 16.11 10.75
C ASP D 79 22.75 16.62 12.10
N VAL D 80 23.93 17.26 12.07
CA VAL D 80 24.45 18.04 13.18
C VAL D 80 24.96 19.39 12.67
N ALA D 81 25.05 20.37 13.58
CA ALA D 81 25.65 21.66 13.28
C ALA D 81 26.25 22.27 14.54
N TRP D 82 27.33 23.04 14.32
CA TRP D 82 28.07 23.74 15.37
C TRP D 82 27.62 25.18 15.53
N SER D 83 27.75 25.67 16.76
CA SER D 83 27.65 27.10 17.04
C SER D 83 28.95 27.79 16.65
N SER D 84 28.87 29.10 16.43
CA SER D 84 30.00 29.92 16.01
C SER D 84 31.18 29.77 16.97
N ASP D 85 30.89 29.68 18.28
CA ASP D 85 31.96 29.60 19.27
C ASP D 85 32.44 28.15 19.44
N SER D 86 31.87 27.19 18.71
CA SER D 86 32.30 25.79 18.76
C SER D 86 31.95 25.11 20.09
N ASN D 87 31.11 25.72 20.94
CA ASN D 87 30.81 25.19 22.27
C ASN D 87 29.51 24.37 22.25
N LEU D 88 28.65 24.61 21.26
CA LEU D 88 27.37 23.91 21.17
C LEU D 88 27.29 23.18 19.84
N LEU D 89 26.58 22.03 19.89
CA LEU D 89 26.12 21.27 18.75
C LEU D 89 24.59 21.26 18.81
N VAL D 90 23.96 21.23 17.63
CA VAL D 90 22.56 20.90 17.48
C VAL D 90 22.43 19.67 16.56
N SER D 91 21.59 18.69 16.96
CA SER D 91 21.27 17.50 16.18
C SER D 91 19.79 17.46 15.74
N ALA D 92 19.53 16.82 14.59
CA ALA D 92 18.20 16.65 14.05
C ALA D 92 17.91 15.15 13.91
N SER D 93 16.79 14.67 14.44
CA SER D 93 16.59 13.24 14.61
C SER D 93 15.26 12.81 14.01
N ASP D 94 15.23 11.54 13.57
CA ASP D 94 14.02 10.86 13.17
C ASP D 94 13.00 10.77 14.31
N ASP D 95 13.43 11.05 15.56
CA ASP D 95 12.55 11.00 16.71
C ASP D 95 11.76 12.32 16.83
N LYS D 96 11.92 13.20 15.83
CA LYS D 96 11.08 14.38 15.62
C LYS D 96 11.52 15.55 16.50
N THR D 97 12.69 15.42 17.14
CA THR D 97 13.26 16.48 17.96
C THR D 97 14.60 16.90 17.36
N LEU D 98 15.01 18.12 17.69
CA LEU D 98 16.41 18.48 17.73
C LEU D 98 16.86 18.52 19.19
N LYS D 99 18.15 18.35 19.44
CA LYS D 99 18.71 18.55 20.76
C LYS D 99 19.92 19.49 20.63
N ILE D 100 20.08 20.33 21.65
CA ILE D 100 21.22 21.22 21.74
C ILE D 100 22.10 20.62 22.81
N TRP D 101 23.37 20.40 22.45
CA TRP D 101 24.34 19.71 23.27
C TRP D 101 25.48 20.66 23.65
N ASP D 102 25.92 20.58 24.92
CA ASP D 102 27.16 21.16 25.36
C ASP D 102 28.30 20.22 24.93
N VAL D 103 29.22 20.72 24.07
CA VAL D 103 30.28 19.92 23.49
C VAL D 103 31.31 19.46 24.55
N SER D 104 31.56 20.26 25.59
CA SER D 104 32.44 19.85 26.68
C SER D 104 31.92 18.62 27.43
N SER D 105 30.69 18.69 27.93
CA SER D 105 30.22 17.74 28.92
C SER D 105 29.42 16.59 28.28
N GLY D 106 29.07 16.71 26.99
CA GLY D 106 28.25 15.72 26.29
C GLY D 106 26.77 15.82 26.68
N LYS D 107 26.42 16.82 27.51
CA LYS D 107 25.10 16.96 28.10
C LYS D 107 24.12 17.57 27.10
N CYS D 108 22.87 17.08 27.15
CA CYS D 108 21.75 17.61 26.40
C CYS D 108 21.14 18.79 27.14
N LEU D 109 21.27 19.99 26.58
CA LEU D 109 20.78 21.18 27.25
C LEU D 109 19.29 21.40 27.01
N LYS D 110 18.86 21.24 25.76
CA LYS D 110 17.48 21.48 25.38
C LYS D 110 17.07 20.43 24.36
N THR D 111 15.82 20.00 24.46
CA THR D 111 15.18 19.23 23.41
C THR D 111 14.20 20.15 22.70
N LEU D 112 14.37 20.30 21.38
CA LEU D 112 13.48 21.17 20.62
C LEU D 112 12.35 20.32 20.02
N LYS D 113 11.14 20.53 20.56
CA LYS D 113 10.00 19.67 20.35
C LYS D 113 8.97 20.51 19.60
N GLY D 114 8.39 19.96 18.52
CA GLY D 114 7.47 20.75 17.73
C GLY D 114 7.20 20.15 16.35
N HIS D 115 8.25 19.65 15.68
CA HIS D 115 8.04 18.97 14.41
C HIS D 115 7.18 17.75 14.66
N SER D 116 6.34 17.43 13.67
CA SER D 116 5.38 16.33 13.75
C SER D 116 5.90 15.11 12.99
N ASN D 117 7.12 15.19 12.46
CA ASN D 117 7.75 14.07 11.77
C ASN D 117 9.27 14.24 11.84
N TYR D 118 10.00 13.42 11.07
CA TYR D 118 11.44 13.38 11.16
C TYR D 118 12.00 14.76 10.94
N VAL D 119 13.07 15.07 11.69
CA VAL D 119 13.83 16.29 11.46
C VAL D 119 15.11 15.92 10.72
N PHE D 120 15.26 16.53 9.54
CA PHE D 120 16.26 16.09 8.58
C PHE D 120 17.50 16.98 8.59
N CYS D 121 17.35 18.27 8.94
CA CYS D 121 18.43 19.21 8.68
C CYS D 121 18.35 20.35 9.70
N CYS D 122 19.52 20.89 10.04
CA CYS D 122 19.61 21.92 11.07
C CYS D 122 20.86 22.79 10.88
N ASN D 123 20.80 24.01 11.39
CA ASN D 123 21.88 25.00 11.30
C ASN D 123 21.65 26.09 12.34
N PHE D 124 22.73 26.56 12.98
CA PHE D 124 22.72 27.81 13.72
C PHE D 124 22.87 29.00 12.77
N ASN D 125 22.30 30.15 13.13
CA ASN D 125 22.67 31.41 12.48
C ASN D 125 24.07 31.84 12.92
N PRO D 126 24.78 32.67 12.11
CA PRO D 126 26.10 33.20 12.51
C PRO D 126 26.22 33.71 13.94
N GLN D 127 25.21 34.48 14.40
CA GLN D 127 25.19 34.96 15.77
C GLN D 127 24.99 33.79 16.74
N SER D 128 24.25 32.75 16.31
CA SER D 128 24.06 31.50 17.04
C SER D 128 23.11 31.66 18.23
N ASN D 129 22.18 32.62 18.12
CA ASN D 129 21.07 32.74 19.06
C ASN D 129 19.84 32.02 18.48
N LEU D 130 19.90 31.65 17.19
CA LEU D 130 18.79 30.99 16.52
C LEU D 130 19.28 29.66 15.94
N ILE D 131 18.38 28.68 15.92
CA ILE D 131 18.58 27.46 15.16
C ILE D 131 17.50 27.41 14.08
N VAL D 132 17.86 27.01 12.86
CA VAL D 132 16.84 26.69 11.87
C VAL D 132 16.83 25.17 11.63
N SER D 133 15.62 24.60 11.46
CA SER D 133 15.41 23.17 11.24
C SER D 133 14.45 22.96 10.06
N GLY D 134 14.59 21.79 9.41
CA GLY D 134 13.67 21.35 8.37
C GLY D 134 13.25 19.90 8.58
N SER D 135 12.03 19.55 8.14
CA SER D 135 11.44 18.27 8.51
C SER D 135 10.73 17.64 7.33
N PHE D 136 10.50 16.33 7.44
CA PHE D 136 9.57 15.59 6.61
C PHE D 136 8.16 16.19 6.70
N ASP D 137 7.85 16.87 7.81
CA ASP D 137 6.53 17.45 7.98
C ASP D 137 6.29 18.65 7.06
N GLU D 138 7.24 19.02 6.18
CA GLU D 138 7.10 20.08 5.17
C GLU D 138 7.24 21.49 5.77
N SER D 139 7.63 21.59 7.05
CA SER D 139 7.77 22.87 7.73
C SER D 139 9.24 23.23 7.93
N VAL D 140 9.48 24.52 8.13
CA VAL D 140 10.76 25.06 8.55
C VAL D 140 10.51 25.82 9.85
N ARG D 141 11.30 25.51 10.89
CA ARG D 141 11.12 26.12 12.20
C ARG D 141 12.39 26.86 12.61
N ILE D 142 12.19 28.00 13.29
CA ILE D 142 13.25 28.83 13.82
C ILE D 142 13.14 28.82 15.35
N TRP D 143 14.23 28.44 16.02
CA TRP D 143 14.21 28.19 17.45
C TRP D 143 15.12 29.18 18.18
N ASP D 144 14.75 29.42 19.42
CA ASP D 144 15.53 30.22 20.34
C ASP D 144 16.50 29.29 21.06
N VAL D 145 17.80 29.60 20.96
CA VAL D 145 18.84 28.74 21.49
C VAL D 145 18.79 28.75 23.02
N LYS D 146 18.64 29.94 23.63
CA LYS D 146 18.74 30.11 25.08
C LYS D 146 17.57 29.40 25.79
N THR D 147 16.35 29.49 25.24
CA THR D 147 15.18 28.92 25.90
C THR D 147 14.74 27.59 25.27
N GLY D 148 15.23 27.28 24.06
CA GLY D 148 14.75 26.14 23.29
C GLY D 148 13.30 26.25 22.80
N LYS D 149 12.70 27.44 22.85
CA LYS D 149 11.32 27.63 22.39
C LYS D 149 11.32 27.90 20.88
N CYS D 150 10.34 27.32 20.17
CA CYS D 150 10.11 27.62 18.76
C CYS D 150 9.56 29.05 18.58
N LEU D 151 10.24 29.89 17.80
CA LEU D 151 9.80 31.26 17.57
C LEU D 151 8.88 31.34 16.36
N LYS D 152 9.20 30.60 15.29
CA LYS D 152 8.37 30.58 14.10
C LYS D 152 8.23 29.16 13.51
N THR D 153 7.08 28.96 12.86
CA THR D 153 6.85 27.79 12.05
C THR D 153 6.48 28.29 10.66
N LEU D 154 7.31 28.02 9.65
CA LEU D 154 7.06 28.49 8.30
C LEU D 154 6.37 27.38 7.51
N PRO D 155 5.26 27.70 6.81
CA PRO D 155 4.60 26.75 5.91
C PRO D 155 5.40 26.69 4.61
N ALA D 156 6.62 26.14 4.73
CA ALA D 156 7.68 26.37 3.76
C ALA D 156 7.37 25.68 2.43
N HIS D 157 6.89 24.44 2.52
CA HIS D 157 6.94 23.51 1.41
C HIS D 157 5.74 22.59 1.50
N SER D 158 5.42 21.95 0.38
CA SER D 158 4.35 20.99 0.33
C SER D 158 4.90 19.56 0.21
N ASP D 159 6.20 19.38 0.45
CA ASP D 159 6.84 18.07 0.49
C ASP D 159 8.00 18.11 1.49
N PRO D 160 8.57 16.96 1.91
CA PRO D 160 9.66 16.96 2.90
C PRO D 160 10.79 17.94 2.59
N VAL D 161 11.33 18.54 3.69
CA VAL D 161 12.35 19.56 3.58
C VAL D 161 13.73 18.93 3.76
N SER D 162 14.63 19.18 2.79
CA SER D 162 15.90 18.45 2.69
C SER D 162 17.06 19.23 3.33
N ALA D 163 16.98 20.58 3.35
CA ALA D 163 18.09 21.42 3.77
C ALA D 163 17.58 22.80 4.18
N VAL D 164 18.31 23.42 5.14
CA VAL D 164 18.03 24.76 5.62
C VAL D 164 19.36 25.45 5.90
N HIS D 165 19.54 26.69 5.42
CA HIS D 165 20.78 27.42 5.67
C HIS D 165 20.51 28.89 5.95
N PHE D 166 21.26 29.51 6.89
CA PHE D 166 21.27 30.95 7.07
C PHE D 166 22.29 31.59 6.13
N ASN D 167 22.09 32.86 5.76
CA ASN D 167 23.11 33.62 5.05
C ASN D 167 24.11 34.19 6.06
N ARG D 168 25.06 34.97 5.51
CA ARG D 168 26.26 35.43 6.19
C ARG D 168 25.91 36.26 7.44
N ASP D 169 24.81 37.02 7.39
CA ASP D 169 24.43 37.83 8.56
C ASP D 169 23.18 37.28 9.24
N GLY D 170 22.66 36.14 8.79
CA GLY D 170 21.48 35.57 9.43
C GLY D 170 20.16 36.22 9.01
N SER D 171 20.18 37.17 8.06
CA SER D 171 18.98 37.91 7.70
C SER D 171 18.11 37.08 6.75
N LEU D 172 18.69 36.07 6.12
CA LEU D 172 17.95 35.17 5.25
C LEU D 172 18.13 33.71 5.67
N ILE D 173 17.12 32.92 5.30
CA ILE D 173 17.17 31.47 5.35
C ILE D 173 16.84 30.98 3.95
N VAL D 174 17.54 29.92 3.52
CA VAL D 174 17.16 29.23 2.30
C VAL D 174 16.75 27.80 2.61
N SER D 175 15.66 27.32 2.01
CA SER D 175 15.16 25.96 2.23
C SER D 175 15.02 25.25 0.89
N SER D 176 15.28 23.93 0.89
CA SER D 176 15.06 23.11 -0.30
C SER D 176 14.05 22.00 0.05
N SER D 177 13.31 21.56 -0.96
CA SER D 177 12.25 20.58 -0.71
C SER D 177 12.15 19.57 -1.83
N TYR D 178 11.56 18.44 -1.48
CA TYR D 178 11.18 17.47 -2.47
C TYR D 178 10.07 17.99 -3.38
N ASP D 179 9.53 19.20 -3.12
CA ASP D 179 8.50 19.73 -3.98
C ASP D 179 9.15 20.38 -5.21
N GLY D 180 10.49 20.34 -5.30
CA GLY D 180 11.24 20.92 -6.41
C GLY D 180 11.53 22.42 -6.31
N LEU D 181 11.30 23.01 -5.13
CA LEU D 181 11.55 24.43 -4.89
C LEU D 181 12.72 24.63 -3.92
N CYS D 182 13.50 25.70 -4.17
CA CYS D 182 14.26 26.40 -3.14
C CYS D 182 13.54 27.72 -2.86
N ARG D 183 13.47 28.08 -1.56
CA ARG D 183 12.78 29.29 -1.17
C ARG D 183 13.66 30.10 -0.24
N ILE D 184 13.62 31.43 -0.45
CA ILE D 184 14.38 32.33 0.41
C ILE D 184 13.40 33.09 1.31
N TRP D 185 13.68 32.96 2.63
CA TRP D 185 12.88 33.47 3.72
C TRP D 185 13.55 34.69 4.38
N ASP D 186 12.77 35.75 4.64
CA ASP D 186 13.12 36.79 5.58
C ASP D 186 13.17 36.24 7.01
N THR D 187 14.32 36.27 7.67
CA THR D 187 14.42 35.70 9.01
C THR D 187 13.43 36.35 9.96
N ALA D 188 13.40 37.69 9.99
CA ALA D 188 12.62 38.45 10.94
C ALA D 188 11.11 38.26 10.74
N SER D 189 10.59 38.34 9.52
CA SER D 189 9.15 38.28 9.33
C SER D 189 8.70 36.83 9.14
N GLY D 190 9.63 35.97 8.72
CA GLY D 190 9.26 34.64 8.29
C GLY D 190 8.58 34.58 6.92
N GLN D 191 8.34 35.73 6.25
CA GLN D 191 7.70 35.73 4.93
C GLN D 191 8.71 35.31 3.85
N CYS D 192 8.21 34.67 2.79
CA CYS D 192 9.05 34.20 1.72
C CYS D 192 9.36 35.36 0.79
N LEU D 193 10.64 35.67 0.55
CA LEU D 193 11.02 36.78 -0.30
C LEU D 193 11.05 36.40 -1.79
N LYS D 194 11.32 35.13 -2.08
CA LYS D 194 11.63 34.69 -3.44
C LYS D 194 11.57 33.16 -3.45
N THR D 195 10.95 32.60 -4.48
CA THR D 195 11.10 31.17 -4.74
C THR D 195 11.71 30.99 -6.13
N LEU D 196 12.61 30.02 -6.29
CA LEU D 196 13.04 29.62 -7.63
C LEU D 196 12.48 28.23 -7.97
N ILE D 197 11.57 28.27 -8.95
CA ILE D 197 10.95 27.09 -9.57
C ILE D 197 11.53 26.98 -10.98
N ASP D 198 12.20 25.86 -11.26
CA ASP D 198 12.67 25.54 -12.61
C ASP D 198 11.48 25.05 -13.44
N ASP D 199 11.69 24.75 -14.73
CA ASP D 199 10.72 24.02 -15.52
C ASP D 199 10.84 22.54 -15.14
N ASP D 200 12.03 21.96 -15.31
CA ASP D 200 12.39 20.71 -14.67
C ASP D 200 12.34 20.98 -13.17
N ASN D 201 11.27 20.50 -12.51
CA ASN D 201 11.11 20.68 -11.07
C ASN D 201 11.36 19.34 -10.34
N PRO D 202 12.56 18.71 -10.46
CA PRO D 202 12.85 17.49 -9.71
C PRO D 202 13.14 17.83 -8.25
N PRO D 203 13.00 16.87 -7.33
CA PRO D 203 13.30 17.13 -5.92
C PRO D 203 14.62 17.87 -5.72
N VAL D 204 14.60 18.94 -4.93
CA VAL D 204 15.80 19.63 -4.48
C VAL D 204 16.25 19.01 -3.16
N SER D 205 17.47 18.46 -3.20
CA SER D 205 18.02 17.53 -2.22
C SER D 205 18.98 18.22 -1.27
N PHE D 206 19.46 19.41 -1.66
CA PHE D 206 20.43 20.16 -0.87
C PHE D 206 20.47 21.62 -1.28
N VAL D 207 20.67 22.52 -0.32
CA VAL D 207 20.93 23.91 -0.67
C VAL D 207 21.73 24.59 0.44
N LYS D 208 22.54 25.56 0.02
CA LYS D 208 23.19 26.45 0.98
C LYS D 208 23.62 27.70 0.21
N PHE D 209 23.73 28.83 0.95
CA PHE D 209 24.30 30.05 0.42
C PHE D 209 25.81 29.92 0.21
N SER D 210 26.31 30.67 -0.79
CA SER D 210 27.72 30.81 -1.08
C SER D 210 28.41 31.64 0.01
N PRO D 211 29.75 31.53 0.21
CA PRO D 211 30.50 32.42 1.11
C PRO D 211 30.17 33.91 1.04
N ASN D 212 30.02 34.46 -0.18
CA ASN D 212 29.75 35.87 -0.34
C ASN D 212 28.26 36.17 -0.08
N GLY D 213 27.42 35.15 0.09
CA GLY D 213 26.00 35.34 0.41
C GLY D 213 25.14 35.73 -0.79
N LYS D 214 25.78 35.94 -1.95
CA LYS D 214 25.14 36.41 -3.17
C LYS D 214 24.59 35.23 -3.99
N TYR D 215 25.08 33.98 -3.70
CA TYR D 215 24.63 32.79 -4.43
C TYR D 215 24.12 31.65 -3.55
N ILE D 216 23.41 30.75 -4.22
CA ILE D 216 22.95 29.52 -3.64
C ILE D 216 23.52 28.36 -4.45
N LEU D 217 24.01 27.34 -3.74
CA LEU D 217 24.39 26.09 -4.39
C LEU D 217 23.29 25.06 -4.12
N ALA D 218 22.69 24.49 -5.17
CA ALA D 218 21.56 23.59 -5.02
C ALA D 218 21.77 22.27 -5.74
N ALA D 219 21.52 21.15 -5.04
CA ALA D 219 21.49 19.86 -5.68
C ALA D 219 20.04 19.47 -6.00
N THR D 220 19.86 18.90 -7.20
CA THR D 220 18.63 18.23 -7.55
C THR D 220 18.93 16.75 -7.84
N LEU D 221 17.89 15.91 -7.67
CA LEU D 221 18.04 14.46 -7.84
C LEU D 221 17.90 14.09 -9.31
N ASP D 222 18.55 14.85 -10.20
CA ASP D 222 18.81 14.45 -11.59
C ASP D 222 20.32 14.58 -11.87
N ASN D 223 21.13 14.34 -10.81
CA ASN D 223 22.58 14.26 -10.92
C ASN D 223 23.18 15.62 -11.30
N THR D 224 22.62 16.70 -10.71
CA THR D 224 23.00 18.07 -11.00
C THR D 224 23.20 18.86 -9.71
N LEU D 225 24.31 19.62 -9.68
CA LEU D 225 24.53 20.73 -8.76
C LEU D 225 24.49 22.02 -9.56
N LYS D 226 23.76 23.03 -9.07
CA LYS D 226 23.75 24.33 -9.72
C LYS D 226 24.07 25.46 -8.76
N LEU D 227 24.82 26.46 -9.27
CA LEU D 227 25.09 27.70 -8.57
C LEU D 227 24.21 28.81 -9.14
N TRP D 228 23.26 29.27 -8.32
CA TRP D 228 22.30 30.29 -8.67
C TRP D 228 22.70 31.64 -8.10
N ASP D 229 22.63 32.68 -8.94
CA ASP D 229 22.42 34.04 -8.46
C ASP D 229 20.92 34.29 -8.29
N TYR D 230 20.46 34.12 -7.05
CA TYR D 230 19.04 33.97 -6.77
C TYR D 230 18.32 35.31 -6.91
N SER D 231 19.01 36.44 -6.75
CA SER D 231 18.32 37.69 -6.91
C SER D 231 18.09 38.01 -8.41
N LYS D 232 18.86 37.40 -9.32
CA LYS D 232 18.71 37.66 -10.75
C LYS D 232 17.96 36.53 -11.45
N GLY D 233 17.69 35.44 -10.72
CA GLY D 233 17.14 34.24 -11.32
C GLY D 233 18.01 33.78 -12.48
N LYS D 234 19.24 33.42 -12.12
CA LYS D 234 20.33 33.23 -13.07
C LYS D 234 21.14 32.03 -12.62
N CYS D 235 21.15 30.94 -13.41
CA CYS D 235 22.08 29.86 -13.18
C CYS D 235 23.47 30.23 -13.73
N LEU D 236 24.46 30.31 -12.82
CA LEU D 236 25.79 30.78 -13.17
C LEU D 236 26.65 29.60 -13.60
N LYS D 237 26.50 28.48 -12.91
CA LYS D 237 27.35 27.32 -13.11
C LYS D 237 26.52 26.08 -12.86
N THR D 238 26.95 24.98 -13.51
CA THR D 238 26.40 23.65 -13.35
C THR D 238 27.56 22.71 -13.08
N TYR D 239 27.32 21.70 -12.25
CA TYR D 239 28.35 20.72 -11.92
C TYR D 239 27.76 19.32 -12.05
N THR D 240 28.36 18.49 -12.92
CA THR D 240 27.78 17.20 -13.30
C THR D 240 28.87 16.16 -13.44
N GLY D 241 28.45 14.89 -13.59
CA GLY D 241 29.39 13.79 -13.76
C GLY D 241 29.29 12.80 -12.60
N HIS D 242 28.78 13.28 -11.47
CA HIS D 242 28.54 12.39 -10.34
C HIS D 242 27.16 11.76 -10.51
N LYS D 243 26.78 10.96 -9.51
CA LYS D 243 25.52 10.25 -9.50
C LYS D 243 24.75 10.64 -8.23
N ASN D 244 23.56 11.20 -8.44
CA ASN D 244 22.72 11.66 -7.34
C ASN D 244 21.27 11.70 -7.77
N GLU D 245 20.58 10.57 -7.58
CA GLU D 245 19.17 10.49 -7.91
C GLU D 245 18.30 10.09 -6.74
N LYS D 246 18.87 9.81 -5.55
CA LYS D 246 18.09 9.16 -4.51
C LYS D 246 18.34 9.76 -3.14
N TYR D 247 19.61 9.84 -2.72
CA TYR D 247 19.92 10.35 -1.39
C TYR D 247 20.14 11.87 -1.44
N CYS D 248 19.93 12.49 -0.27
CA CYS D 248 20.17 13.91 -0.09
C CYS D 248 21.61 14.11 0.39
N ILE D 249 22.42 14.47 -0.59
CA ILE D 249 23.86 14.47 -0.49
C ILE D 249 24.32 15.91 -0.35
N PHE D 250 25.10 16.17 0.70
CA PHE D 250 25.62 17.49 1.02
C PHE D 250 26.64 17.94 -0.04
N ALA D 251 26.86 19.24 -0.16
CA ALA D 251 27.88 19.79 -1.03
C ALA D 251 28.54 20.97 -0.33
N ASN D 252 29.78 21.27 -0.72
CA ASN D 252 30.66 22.21 -0.05
C ASN D 252 31.31 23.14 -1.07
N PHE D 253 31.51 24.40 -0.62
CA PHE D 253 32.53 25.31 -1.13
C PHE D 253 33.84 25.09 -0.37
N SER D 254 34.90 24.75 -1.11
CA SER D 254 36.25 24.67 -0.56
C SER D 254 37.01 25.95 -0.95
N VAL D 255 37.54 26.66 0.06
CA VAL D 255 38.06 28.02 -0.12
C VAL D 255 39.46 28.21 0.46
N THR D 256 40.04 27.19 1.14
CA THR D 256 41.30 27.33 1.84
C THR D 256 42.50 27.30 0.89
N GLY D 257 42.37 26.54 -0.20
CA GLY D 257 43.39 26.49 -1.23
C GLY D 257 42.81 27.05 -2.52
N GLY D 258 42.72 26.19 -3.54
CA GLY D 258 42.00 26.50 -4.75
C GLY D 258 40.50 26.51 -4.50
N LYS D 259 39.75 27.04 -5.49
CA LYS D 259 38.33 27.33 -5.31
C LYS D 259 37.52 26.19 -5.93
N TRP D 260 37.06 25.28 -5.06
CA TRP D 260 36.46 24.04 -5.52
C TRP D 260 35.02 23.93 -5.02
N ILE D 261 34.27 23.03 -5.70
CA ILE D 261 33.01 22.50 -5.24
C ILE D 261 33.23 21.03 -4.86
N VAL D 262 32.73 20.58 -3.70
CA VAL D 262 32.91 19.22 -3.28
C VAL D 262 31.54 18.60 -2.99
N SER D 263 31.35 17.33 -3.38
CA SER D 263 30.13 16.59 -3.11
C SER D 263 30.42 15.10 -3.13
N GLY D 264 29.70 14.37 -2.27
CA GLY D 264 29.56 12.92 -2.40
C GLY D 264 28.74 12.50 -3.61
N SER D 265 28.59 11.19 -3.78
CA SER D 265 27.99 10.61 -4.96
C SER D 265 27.56 9.18 -4.64
N GLU D 266 26.57 8.72 -5.40
CA GLU D 266 26.00 7.39 -5.16
C GLU D 266 26.88 6.31 -5.81
N ASP D 267 27.98 6.72 -6.49
CA ASP D 267 28.94 5.76 -7.01
C ASP D 267 30.12 5.62 -6.06
N ASN D 268 29.95 6.06 -4.80
CA ASN D 268 30.86 5.80 -3.68
C ASN D 268 32.11 6.69 -3.73
N LEU D 269 32.13 7.67 -4.64
CA LEU D 269 33.25 8.60 -4.80
C LEU D 269 32.88 9.97 -4.22
N VAL D 270 33.90 10.69 -3.74
CA VAL D 270 33.83 12.13 -3.52
C VAL D 270 34.27 12.84 -4.82
N TYR D 271 33.51 13.82 -5.29
CA TYR D 271 33.86 14.56 -6.48
C TYR D 271 34.33 15.95 -6.10
N ILE D 272 35.35 16.44 -6.81
CA ILE D 272 35.86 17.80 -6.63
C ILE D 272 35.88 18.47 -8.00
N TRP D 273 35.22 19.64 -8.08
CA TRP D 273 35.15 20.39 -9.32
C TRP D 273 35.82 21.75 -9.16
N ASN D 274 36.35 22.28 -10.27
CA ASN D 274 36.76 23.66 -10.33
C ASN D 274 35.50 24.52 -10.35
N LEU D 275 35.42 25.51 -9.47
CA LEU D 275 34.21 26.30 -9.30
C LEU D 275 33.93 27.14 -10.54
N GLN D 276 34.99 27.69 -11.17
CA GLN D 276 34.83 28.59 -12.30
C GLN D 276 34.64 27.80 -13.60
N THR D 277 35.54 26.86 -13.90
CA THR D 277 35.49 26.10 -15.15
C THR D 277 34.45 24.98 -15.15
N LYS D 278 34.08 24.47 -13.93
CA LYS D 278 33.11 23.39 -13.73
C LYS D 278 33.67 22.03 -14.16
N GLU D 279 34.97 21.92 -14.44
CA GLU D 279 35.58 20.62 -14.70
C GLU D 279 35.79 19.86 -13.38
N ILE D 280 35.69 18.54 -13.48
CA ILE D 280 36.11 17.64 -12.42
C ILE D 280 37.64 17.61 -12.41
N VAL D 281 38.22 17.81 -11.22
CA VAL D 281 39.66 17.88 -11.05
C VAL D 281 40.14 16.78 -10.12
N GLN D 282 39.23 16.15 -9.36
CA GLN D 282 39.60 14.99 -8.57
C GLN D 282 38.34 14.17 -8.23
N LYS D 283 38.46 12.83 -8.26
CA LYS D 283 37.51 11.93 -7.63
C LYS D 283 38.24 11.15 -6.54
N LEU D 284 37.70 11.11 -5.31
CA LEU D 284 38.35 10.42 -4.22
C LEU D 284 37.70 9.04 -4.02
N GLN D 285 38.52 7.99 -4.13
CA GLN D 285 37.99 6.64 -4.14
C GLN D 285 38.37 5.94 -2.83
N GLY D 286 37.53 5.03 -2.32
CA GLY D 286 37.83 4.37 -1.05
C GLY D 286 36.59 3.87 -0.31
N HIS D 287 35.56 4.71 -0.27
CA HIS D 287 34.28 4.34 0.32
C HIS D 287 33.65 3.19 -0.46
N THR D 288 32.84 2.40 0.26
CA THR D 288 32.17 1.24 -0.32
C THR D 288 30.64 1.42 -0.28
N ASP D 289 30.17 2.64 -0.02
CA ASP D 289 28.75 2.93 -0.14
C ASP D 289 28.61 4.38 -0.60
N VAL D 290 27.36 4.81 -0.80
CA VAL D 290 27.02 6.19 -1.07
C VAL D 290 27.74 7.10 -0.07
N VAL D 291 28.34 8.17 -0.59
CA VAL D 291 28.93 9.20 0.24
C VAL D 291 27.87 10.29 0.34
N ILE D 292 27.27 10.38 1.54
CA ILE D 292 26.07 11.19 1.78
C ILE D 292 26.49 12.58 2.25
N SER D 293 27.63 12.68 2.95
CA SER D 293 28.09 13.91 3.56
C SER D 293 29.59 14.10 3.27
N THR D 294 29.96 15.37 3.08
CA THR D 294 31.33 15.83 2.99
C THR D 294 31.38 17.16 3.72
N ALA D 295 32.57 17.48 4.24
CA ALA D 295 32.83 18.72 4.92
C ALA D 295 34.22 19.19 4.52
N CYS D 296 34.43 20.50 4.51
CA CYS D 296 35.74 21.09 4.30
C CYS D 296 36.19 21.81 5.56
N HIS D 297 37.47 21.63 5.91
CA HIS D 297 38.02 22.28 7.08
C HIS D 297 38.09 23.79 6.89
N PRO D 298 37.82 24.60 7.95
CA PRO D 298 37.78 26.06 7.81
C PRO D 298 39.09 26.76 7.43
N THR D 299 40.27 26.20 7.77
CA THR D 299 41.55 26.86 7.57
C THR D 299 42.53 26.03 6.73
N GLU D 300 42.46 24.69 6.82
CA GLU D 300 43.37 23.78 6.11
C GLU D 300 42.64 23.05 4.99
N ASN D 301 43.43 22.51 4.05
CA ASN D 301 42.93 21.69 2.95
C ASN D 301 42.65 20.26 3.41
N ILE D 302 41.55 20.11 4.15
CA ILE D 302 41.15 18.82 4.68
C ILE D 302 39.68 18.62 4.34
N ILE D 303 39.37 17.45 3.76
CA ILE D 303 38.00 17.06 3.49
C ILE D 303 37.68 15.88 4.40
N ALA D 304 36.44 15.87 4.91
CA ALA D 304 35.87 14.71 5.57
C ALA D 304 34.71 14.21 4.72
N SER D 305 34.61 12.88 4.59
CA SER D 305 33.51 12.24 3.89
C SER D 305 32.94 11.13 4.76
N ALA D 306 31.65 10.82 4.55
CA ALA D 306 30.93 9.82 5.34
C ALA D 306 29.96 9.05 4.45
N ALA D 307 29.86 7.74 4.70
CA ALA D 307 29.12 6.84 3.82
C ALA D 307 28.05 6.06 4.58
N LEU D 308 27.12 5.48 3.80
CA LEU D 308 25.95 4.80 4.34
C LEU D 308 26.29 3.37 4.75
N GLU D 309 25.26 2.50 4.88
CA GLU D 309 25.22 1.37 5.80
C GLU D 309 26.29 0.33 5.48
N ASN D 310 26.71 0.24 4.20
CA ASN D 310 27.61 -0.82 3.76
C ASN D 310 29.07 -0.39 3.96
N ASP D 311 29.29 0.86 4.41
CA ASP D 311 30.61 1.38 4.73
C ASP D 311 30.69 1.70 6.24
N LYS D 312 29.88 2.67 6.70
CA LYS D 312 29.71 3.11 8.08
C LYS D 312 30.91 3.91 8.60
N THR D 313 31.80 4.36 7.71
CA THR D 313 33.02 5.05 8.13
C THR D 313 33.07 6.49 7.61
N ILE D 314 33.95 7.24 8.28
CA ILE D 314 34.35 8.60 7.95
C ILE D 314 35.78 8.57 7.44
N LYS D 315 36.05 9.30 6.35
CA LYS D 315 37.41 9.38 5.85
C LYS D 315 37.90 10.82 5.91
N LEU D 316 39.18 11.00 6.27
CA LEU D 316 39.85 12.30 6.27
C LEU D 316 40.87 12.31 5.15
N TRP D 317 40.77 13.31 4.25
CA TRP D 317 41.60 13.46 3.07
C TRP D 317 42.34 14.80 3.15
N LYS D 318 43.60 14.86 2.73
CA LYS D 318 44.36 16.11 2.83
C LYS D 318 45.16 16.39 1.56
N SER D 319 45.28 17.70 1.24
CA SER D 319 45.86 18.20 0.01
C SER D 319 46.85 19.32 0.32
N ASP D 320 47.74 19.60 -0.63
CA ASP D 320 48.46 20.87 -0.66
C ASP D 320 47.47 21.93 -1.19
#